data_4MRP
#
_entry.id   4MRP
#
_cell.length_a   321.853
_cell.length_b   95.262
_cell.length_c   79.010
_cell.angle_alpha   90.00
_cell.angle_beta   102.01
_cell.angle_gamma   90.00
#
_symmetry.space_group_name_H-M   'C 1 2 1'
#
loop_
_entity.id
_entity.type
_entity.pdbx_description
1 polymer 'ABC transporter related protein'
2 non-polymer 'LAURYL DIMETHYLAMINE-N-OXIDE'
3 non-polymer GLUTATHIONE
4 non-polymer 'PHOSPHATE ION'
5 water water
#
_entity_poly.entity_id   1
_entity_poly.type   'polypeptide(L)'
_entity_poly.pdbx_seq_one_letter_code
;(MSE)PPETATNPKDARHDGWQTLKRFLPYLWPADNAVLRRRVVGAIL(MSE)VLLGKATTLALPFAYKKAVDA(MSE)T
LGGGAQPALTVALAFVLAYALGRFSGVLFDNLRNIVFERVGQDATRHLAENVFARLHKLSLRFHLARRTGEVTKVIERGT
KSIDT(MSE)LYFLLFNIAPTVIELTAVIVIFWLNFGLGLVTATILAVIAYVWTTRTITEWRTHLREK(MSE)NRLDGQA
LARAVDSLLNYETVKYFGAESREEARYASAARAYADAAVKSENSLGLLNIAQALIVNLL(MSE)AGA(MSE)AWTVYGWS
QGKLTVGDLVFVNTYLTQLFRPLD(MSE)LG(MSE)VYRTIRQGLID(MSE)AE(MSE)FRLIDTHIEVADVPNAPALVV
NRPSVTFDNVVFGYDRDREILHGLSFEVAAGSRVAIVGPSGAGKSTIARLLFRFYDPWEGRILIDGQDIAHVTQTSLRAA
LGIVPQDSVLFNDTIGYNIAYGRDGASRAEVDAAAKGAAIADFIARLPQGYDTEVGERGLKLSGGEKQRVAIARTLVKNP
PILLFDEATSALDTRTEQDILST(MSE)RAVASHRTTISIAHRLSTIADSDTILVLDQGRLAEQGSHLDLLRRDGLYAE
(MSE)WARQAAESAEVSEAAEHHHHHH
;
_entity_poly.pdbx_strand_id   A,B
#
# COMPACT_ATOMS: atom_id res chain seq x y z
N ASN A 8 10.56 -26.69 27.80
CA ASN A 8 10.45 -25.46 27.00
C ASN A 8 9.72 -25.73 25.69
N PRO A 9 8.65 -24.96 25.42
CA PRO A 9 7.93 -25.00 24.14
C PRO A 9 8.81 -24.58 22.95
N LYS A 10 9.76 -23.65 23.17
CA LYS A 10 10.73 -23.28 22.14
C LYS A 10 11.69 -24.41 21.79
N ASP A 11 11.88 -25.35 22.71
CA ASP A 11 12.72 -26.50 22.44
C ASP A 11 11.90 -27.56 21.70
N ALA A 12 11.55 -27.25 20.46
CA ALA A 12 10.71 -28.14 19.67
C ALA A 12 10.89 -27.81 18.20
N ARG A 13 10.31 -28.66 17.35
CA ARG A 13 10.36 -28.50 15.90
C ARG A 13 9.66 -27.18 15.52
N HIS A 14 10.21 -26.46 14.55
CA HIS A 14 9.69 -25.16 14.12
C HIS A 14 8.53 -25.28 13.13
N ASP A 15 7.42 -25.88 13.55
CA ASP A 15 6.24 -25.96 12.68
C ASP A 15 5.04 -25.11 13.11
N GLY A 16 3.92 -25.30 12.41
CA GLY A 16 2.67 -24.61 12.72
C GLY A 16 2.18 -24.91 14.13
N TRP A 17 2.40 -26.15 14.60
CA TRP A 17 1.96 -26.53 15.93
C TRP A 17 2.66 -25.71 16.99
N GLN A 18 3.95 -25.47 16.78
CA GLN A 18 4.69 -24.67 17.75
C GLN A 18 4.16 -23.24 17.77
N THR A 19 3.92 -22.67 16.60
CA THR A 19 3.43 -21.31 16.49
C THR A 19 2.08 -21.16 17.21
N LEU A 20 1.20 -22.14 16.98
CA LEU A 20 -0.12 -22.13 17.60
C LEU A 20 -0.01 -22.26 19.11
N LYS A 21 0.85 -23.16 19.56
CA LYS A 21 1.04 -23.36 20.99
C LYS A 21 1.58 -22.09 21.61
N ARG A 22 2.41 -21.36 20.88
CA ARG A 22 2.90 -20.04 21.32
C ARG A 22 1.77 -19.03 21.42
N PHE A 23 0.85 -19.08 20.46
CA PHE A 23 -0.22 -18.11 20.43
C PHE A 23 -1.29 -18.38 21.49
N LEU A 24 -1.35 -19.60 22.00
CA LEU A 24 -2.46 -19.99 22.88
C LEU A 24 -2.63 -19.15 24.16
N PRO A 25 -1.54 -18.77 24.83
CA PRO A 25 -1.73 -17.89 25.99
C PRO A 25 -2.45 -16.57 25.66
N TYR A 26 -2.31 -16.08 24.44
CA TYR A 26 -2.97 -14.84 24.02
C TYR A 26 -4.47 -15.02 24.00
N LEU A 27 -4.91 -16.20 23.56
CA LEU A 27 -6.33 -16.53 23.54
C LEU A 27 -6.88 -16.83 24.94
N TRP A 28 -6.02 -17.29 25.83
CA TRP A 28 -6.44 -17.65 27.18
C TRP A 28 -5.60 -16.88 28.18
N PRO A 29 -5.85 -15.56 28.27
CA PRO A 29 -4.90 -14.60 28.83
C PRO A 29 -4.41 -14.93 30.23
N ALA A 30 -5.31 -15.34 31.12
CA ALA A 30 -4.99 -15.56 32.54
C ALA A 30 -4.60 -14.26 33.23
N ASP A 31 -4.83 -13.18 32.52
CA ASP A 31 -4.71 -11.82 33.03
C ASP A 31 -6.11 -11.23 33.18
N ASN A 32 -7.03 -11.64 32.29
CA ASN A 32 -8.30 -10.94 32.09
C ASN A 32 -9.55 -11.56 32.72
N ALA A 33 -9.72 -12.87 32.56
CA ALA A 33 -10.89 -13.59 33.11
C ALA A 33 -12.20 -13.31 32.35
N VAL A 34 -12.47 -12.04 32.06
CA VAL A 34 -13.62 -11.67 31.25
C VAL A 34 -13.48 -12.34 29.89
N LEU A 35 -12.28 -12.24 29.34
CA LEU A 35 -11.99 -12.85 28.05
C LEU A 35 -12.00 -14.37 28.12
N ARG A 36 -11.58 -14.94 29.26
CA ARG A 36 -11.64 -16.39 29.41
C ARG A 36 -13.12 -16.83 29.39
N ARG A 37 -13.97 -16.11 30.12
CA ARG A 37 -15.40 -16.39 30.10
C ARG A 37 -15.96 -16.28 28.70
N ARG A 38 -15.50 -15.30 27.94
CA ARG A 38 -15.94 -15.17 26.56
C ARG A 38 -15.54 -16.40 25.75
N VAL A 39 -14.33 -16.91 25.99
CA VAL A 39 -13.84 -18.08 25.26
C VAL A 39 -14.72 -19.31 25.57
N VAL A 40 -15.04 -19.47 26.85
CA VAL A 40 -15.86 -20.58 27.28
C VAL A 40 -17.23 -20.46 26.62
N GLY A 41 -17.77 -19.24 26.61
CA GLY A 41 -19.07 -19.00 26.02
C GLY A 41 -19.08 -19.35 24.55
N ALA A 42 -17.99 -19.01 23.87
CA ALA A 42 -17.87 -19.30 22.45
C ALA A 42 -17.82 -20.80 22.18
N ILE A 43 -17.08 -21.53 23.01
CA ILE A 43 -16.98 -22.98 22.88
C ILE A 43 -18.36 -23.62 23.09
N LEU A 44 -19.09 -23.11 24.07
CA LEU A 44 -20.46 -23.53 24.34
C LEU A 44 -21.34 -23.28 23.13
N VAL A 46 -20.28 -23.30 20.05
CA VAL A 46 -19.85 -24.32 19.08
C VAL A 46 -20.60 -25.62 19.35
N LEU A 47 -20.66 -26.00 20.61
CA LEU A 47 -21.32 -27.23 21.00
C LEU A 47 -22.82 -27.19 20.73
N LEU A 48 -23.48 -26.10 21.11
CA LEU A 48 -24.91 -25.94 20.85
C LEU A 48 -25.19 -25.99 19.37
N GLY A 49 -24.35 -25.30 18.59
CA GLY A 49 -24.54 -25.23 17.16
C GLY A 49 -24.42 -26.59 16.51
N LYS A 50 -23.41 -27.34 16.93
CA LYS A 50 -23.22 -28.70 16.41
C LYS A 50 -24.33 -29.66 16.83
N ALA A 51 -24.75 -29.58 18.08
CA ALA A 51 -25.86 -30.41 18.54
C ALA A 51 -27.07 -30.08 17.69
N THR A 52 -27.30 -28.80 17.44
CA THR A 52 -28.42 -28.38 16.63
C THR A 52 -28.39 -28.86 15.19
N THR A 53 -27.28 -28.65 14.50
CA THR A 53 -27.20 -29.05 13.09
C THR A 53 -27.19 -30.56 12.93
N LEU A 54 -26.72 -31.26 13.95
CA LEU A 54 -26.79 -32.71 13.97
C LEU A 54 -28.23 -33.20 14.24
N ALA A 55 -28.95 -32.48 15.10
CA ALA A 55 -30.33 -32.81 15.48
C ALA A 55 -31.34 -32.54 14.37
N LEU A 56 -31.14 -31.45 13.63
CA LEU A 56 -32.16 -31.06 12.64
C LEU A 56 -32.48 -32.08 11.50
N PRO A 57 -31.48 -32.86 11.03
CA PRO A 57 -31.83 -33.84 9.99
C PRO A 57 -32.70 -35.02 10.48
N PHE A 58 -32.58 -35.34 11.76
CA PHE A 58 -33.43 -36.35 12.36
C PHE A 58 -34.89 -35.87 12.28
N ALA A 59 -35.09 -34.57 12.47
CA ALA A 59 -36.43 -33.99 12.38
C ALA A 59 -36.98 -34.09 10.97
N TYR A 60 -36.11 -33.92 9.99
CA TYR A 60 -36.50 -34.08 8.60
C TYR A 60 -36.83 -35.55 8.34
N LYS A 61 -35.96 -36.44 8.83
CA LYS A 61 -36.12 -37.88 8.66
C LYS A 61 -37.45 -38.38 9.22
N LYS A 62 -37.76 -37.93 10.44
CA LYS A 62 -38.98 -38.31 11.12
C LYS A 62 -40.22 -37.83 10.38
N ALA A 63 -40.15 -36.62 9.85
CA ALA A 63 -41.27 -36.05 9.13
C ALA A 63 -41.59 -36.88 7.90
N VAL A 64 -40.54 -37.35 7.23
CA VAL A 64 -40.67 -38.18 6.04
C VAL A 64 -41.19 -39.56 6.42
N ASP A 65 -40.68 -40.06 7.55
CA ASP A 65 -41.07 -41.34 8.12
C ASP A 65 -42.54 -41.31 8.48
N ALA A 66 -42.97 -40.20 9.07
CA ALA A 66 -44.37 -40.06 9.46
C ALA A 66 -45.27 -40.13 8.24
N THR A 68 -44.78 -41.63 5.44
CA THR A 68 -44.72 -42.86 4.66
C THR A 68 -45.05 -44.13 5.46
N LEU A 69 -44.98 -43.99 6.79
CA LEU A 69 -45.36 -45.03 7.73
C LEU A 69 -46.32 -44.38 8.73
N GLY A 70 -47.51 -44.03 8.27
CA GLY A 70 -48.50 -43.42 9.12
C GLY A 70 -49.23 -44.43 9.98
N GLY A 71 -48.65 -45.62 10.14
CA GLY A 71 -49.23 -46.65 10.98
C GLY A 71 -49.24 -46.39 12.48
N GLY A 72 -48.17 -45.83 13.00
CA GLY A 72 -48.10 -45.56 14.43
C GLY A 72 -47.73 -44.12 14.70
N ALA A 73 -47.61 -43.34 13.63
CA ALA A 73 -47.33 -41.92 13.76
C ALA A 73 -48.51 -41.07 13.29
N GLN A 74 -49.57 -41.04 14.11
CA GLN A 74 -50.87 -40.47 13.74
C GLN A 74 -51.29 -39.44 14.80
N PRO A 75 -52.00 -38.39 14.40
CA PRO A 75 -52.34 -38.09 13.00
C PRO A 75 -51.08 -37.63 12.28
N ALA A 76 -50.83 -38.22 11.12
CA ALA A 76 -49.53 -38.08 10.47
C ALA A 76 -49.32 -36.66 9.95
N LEU A 77 -50.42 -35.97 9.67
CA LEU A 77 -50.40 -34.56 9.32
C LEU A 77 -49.78 -33.76 10.48
N THR A 78 -50.26 -34.02 11.69
CA THR A 78 -49.79 -33.33 12.90
C THR A 78 -48.34 -33.62 13.19
N VAL A 79 -47.99 -34.90 13.08
CA VAL A 79 -46.63 -35.37 13.36
C VAL A 79 -45.65 -34.72 12.37
N ALA A 80 -46.00 -34.77 11.09
CA ALA A 80 -45.18 -34.23 10.03
C ALA A 80 -45.02 -32.71 10.13
N LEU A 81 -46.11 -32.01 10.44
CA LEU A 81 -46.04 -30.56 10.59
C LEU A 81 -45.10 -30.22 11.73
N ALA A 82 -45.27 -30.91 12.85
CA ALA A 82 -44.45 -30.65 14.03
C ALA A 82 -42.98 -30.83 13.67
N PHE A 83 -42.68 -31.89 12.94
CA PHE A 83 -41.28 -32.16 12.57
C PHE A 83 -40.68 -31.20 11.53
N VAL A 84 -41.49 -30.78 10.56
CA VAL A 84 -41.07 -29.82 9.56
C VAL A 84 -40.73 -28.48 10.24
N LEU A 85 -41.58 -28.07 11.20
CA LEU A 85 -41.31 -26.85 11.97
C LEU A 85 -40.07 -27.01 12.84
N ALA A 86 -39.87 -28.21 13.40
CA ALA A 86 -38.67 -28.46 14.21
C ALA A 86 -37.42 -28.32 13.36
N TYR A 87 -37.51 -28.78 12.12
CA TYR A 87 -36.42 -28.72 11.17
C TYR A 87 -36.08 -27.25 10.82
N ALA A 88 -37.09 -26.46 10.48
CA ALA A 88 -36.87 -25.05 10.14
C ALA A 88 -36.29 -24.28 11.33
N LEU A 89 -36.91 -24.46 12.50
CA LEU A 89 -36.41 -23.81 13.71
C LEU A 89 -34.98 -24.28 14.03
N GLY A 90 -34.69 -25.54 13.71
CA GLY A 90 -33.37 -26.08 13.94
C GLY A 90 -32.35 -25.36 13.08
N ARG A 91 -32.68 -25.14 11.82
CA ARG A 91 -31.79 -24.43 10.90
C ARG A 91 -31.49 -23.01 11.37
N PHE A 92 -32.57 -22.27 11.65
CA PHE A 92 -32.38 -20.91 12.10
C PHE A 92 -31.53 -20.89 13.37
N SER A 93 -31.76 -21.86 14.25
CA SER A 93 -31.05 -21.92 15.52
C SER A 93 -29.57 -22.23 15.33
N GLY A 94 -29.24 -23.01 14.30
CA GLY A 94 -27.86 -23.35 14.02
C GLY A 94 -27.11 -22.10 13.60
N VAL A 95 -27.75 -21.34 12.71
CA VAL A 95 -27.13 -20.10 12.26
C VAL A 95 -26.96 -19.14 13.45
N LEU A 96 -27.97 -19.07 14.30
CA LEU A 96 -27.95 -18.16 15.44
C LEU A 96 -26.81 -18.51 16.39
N PHE A 97 -26.64 -19.80 16.64
CA PHE A 97 -25.57 -20.23 17.53
C PHE A 97 -24.20 -19.89 16.95
N ASP A 98 -24.05 -20.08 15.63
CA ASP A 98 -22.77 -19.77 14.98
C ASP A 98 -22.39 -18.29 15.02
N ASN A 99 -23.34 -17.45 14.65
CA ASN A 99 -23.06 -16.05 14.69
C ASN A 99 -22.86 -15.55 16.11
N LEU A 100 -23.54 -16.18 17.06
CA LEU A 100 -23.32 -15.84 18.47
C LEU A 100 -21.92 -16.26 18.92
N ARG A 101 -21.38 -17.39 18.45
CA ARG A 101 -20.00 -17.70 18.86
C ARG A 101 -19.05 -16.70 18.26
N ASN A 102 -19.26 -16.29 17.01
CA ASN A 102 -18.40 -15.26 16.43
C ASN A 102 -18.46 -13.94 17.21
N ILE A 103 -19.68 -13.48 17.48
CA ILE A 103 -19.90 -12.22 18.18
C ILE A 103 -19.26 -12.25 19.57
N VAL A 104 -19.42 -13.36 20.27
CA VAL A 104 -18.83 -13.52 21.59
C VAL A 104 -17.30 -13.56 21.55
N PHE A 105 -16.75 -14.26 20.57
CA PHE A 105 -15.30 -14.45 20.50
C PHE A 105 -14.49 -13.25 19.97
N GLU A 106 -15.14 -12.40 19.17
CA GLU A 106 -14.42 -11.42 18.36
C GLU A 106 -13.49 -10.53 19.18
N ARG A 107 -13.96 -10.13 20.36
CA ARG A 107 -13.18 -9.31 21.26
C ARG A 107 -11.92 -10.05 21.71
N VAL A 108 -12.07 -11.34 21.97
CA VAL A 108 -10.94 -12.18 22.37
C VAL A 108 -9.91 -12.21 21.25
N GLY A 109 -10.39 -12.35 20.01
CA GLY A 109 -9.47 -12.43 18.89
C GLY A 109 -8.68 -11.14 18.72
N GLN A 110 -9.41 -10.03 18.69
CA GLN A 110 -8.83 -8.72 18.48
C GLN A 110 -7.86 -8.40 19.61
N ASP A 111 -8.21 -8.77 20.84
CA ASP A 111 -7.30 -8.49 21.94
C ASP A 111 -6.03 -9.33 21.81
N ALA A 112 -6.18 -10.57 21.39
CA ALA A 112 -5.04 -11.47 21.27
C ALA A 112 -4.04 -10.94 20.26
N THR A 113 -4.54 -10.59 19.08
CA THR A 113 -3.68 -10.10 18.01
C THR A 113 -3.11 -8.70 18.31
N ARG A 114 -3.89 -7.89 19.05
CA ARG A 114 -3.39 -6.60 19.46
C ARG A 114 -2.19 -6.80 20.41
N HIS A 115 -2.32 -7.71 21.36
CA HIS A 115 -1.23 -7.98 22.31
C HIS A 115 0.01 -8.57 21.64
N LEU A 116 -0.21 -9.41 20.63
CA LEU A 116 0.93 -9.91 19.87
C LEU A 116 1.65 -8.73 19.19
N ALA A 117 0.88 -7.86 18.52
CA ALA A 117 1.46 -6.71 17.84
C ALA A 117 2.21 -5.78 18.78
N GLU A 118 1.62 -5.53 19.94
CA GLU A 118 2.24 -4.68 20.94
C GLU A 118 3.54 -5.30 21.44
N ASN A 119 3.54 -6.62 21.60
CA ASN A 119 4.74 -7.31 22.05
C ASN A 119 5.89 -7.15 21.07
N VAL A 120 5.57 -7.31 19.78
CA VAL A 120 6.57 -7.14 18.74
C VAL A 120 7.07 -5.69 18.67
N PHE A 121 6.14 -4.74 18.80
CA PHE A 121 6.46 -3.32 18.72
C PHE A 121 7.46 -2.95 19.82
N ALA A 122 7.16 -3.41 21.04
CA ALA A 122 8.08 -3.17 22.14
C ALA A 122 9.43 -3.81 21.82
N ARG A 123 9.41 -5.03 21.30
CA ARG A 123 10.67 -5.70 21.04
C ARG A 123 11.52 -4.99 19.97
N LEU A 124 10.87 -4.49 18.92
CA LEU A 124 11.54 -3.78 17.86
C LEU A 124 12.19 -2.51 18.39
N HIS A 125 11.53 -1.82 19.32
CA HIS A 125 12.18 -0.66 19.92
C HIS A 125 13.33 -1.07 20.84
N LYS A 126 13.27 -2.27 21.40
CA LYS A 126 14.40 -2.78 22.18
C LYS A 126 15.62 -3.22 21.35
N LEU A 127 15.42 -3.58 20.09
CA LEU A 127 16.50 -4.16 19.27
C LEU A 127 17.52 -3.11 18.78
N SER A 128 18.64 -3.57 18.23
CA SER A 128 19.79 -2.68 17.95
C SER A 128 19.63 -1.72 16.76
N LEU A 129 20.36 -0.61 16.81
CA LEU A 129 20.37 0.38 15.74
C LEU A 129 20.85 -0.20 14.41
N ARG A 130 21.75 -1.18 14.49
CA ARG A 130 22.42 -1.72 13.31
C ARG A 130 21.46 -2.40 12.34
N PHE A 131 20.27 -2.73 12.83
CA PHE A 131 19.22 -3.21 11.95
C PHE A 131 18.69 -2.11 11.02
N HIS A 132 18.92 -0.83 11.39
CA HIS A 132 18.60 0.31 10.54
C HIS A 132 17.16 0.30 10.01
N LEU A 133 16.22 0.42 10.94
CA LEU A 133 14.80 0.23 10.65
C LEU A 133 14.23 1.29 9.71
N ALA A 134 14.86 2.46 9.68
CA ALA A 134 14.51 3.51 8.72
C ALA A 134 14.63 3.04 7.26
N ARG A 135 13.47 2.90 6.63
CA ARG A 135 13.28 2.27 5.32
C ARG A 135 12.03 2.94 4.74
N ARG A 136 11.47 2.42 3.65
CA ARG A 136 10.31 3.09 3.05
C ARG A 136 8.98 2.75 3.74
N THR A 137 8.19 3.80 3.96
CA THR A 137 6.91 3.73 4.66
C THR A 137 5.85 2.88 3.97
N GLY A 138 5.67 3.11 2.67
CA GLY A 138 4.63 2.44 1.90
C GLY A 138 4.80 0.94 1.79
N GLU A 139 6.05 0.52 1.62
CA GLU A 139 6.39 -0.90 1.49
C GLU A 139 6.10 -1.63 2.79
N VAL A 140 6.61 -1.06 3.88
CA VAL A 140 6.44 -1.62 5.22
C VAL A 140 4.95 -1.67 5.58
N THR A 141 4.23 -0.60 5.25
CA THR A 141 2.81 -0.51 5.54
C THR A 141 1.98 -1.54 4.78
N LYS A 142 2.31 -1.73 3.50
CA LYS A 142 1.61 -2.69 2.66
C LYS A 142 1.85 -4.10 3.21
N VAL A 143 3.10 -4.35 3.61
CA VAL A 143 3.48 -5.64 4.20
C VAL A 143 2.70 -5.92 5.49
N ILE A 144 2.67 -4.92 6.38
CA ILE A 144 1.99 -5.06 7.65
C ILE A 144 0.47 -5.23 7.50
N GLU A 145 -0.11 -4.54 6.52
CA GLU A 145 -1.53 -4.68 6.22
C GLU A 145 -1.83 -6.11 5.77
N ARG A 146 -1.00 -6.58 4.85
CA ARG A 146 -1.12 -7.93 4.28
C ARG A 146 -0.98 -8.97 5.40
N GLY A 147 -0.02 -8.77 6.29
CA GLY A 147 0.21 -9.69 7.38
C GLY A 147 -0.93 -9.73 8.37
N THR A 148 -1.46 -8.55 8.69
CA THR A 148 -2.56 -8.44 9.64
C THR A 148 -3.79 -9.18 9.11
N LYS A 149 -4.10 -8.96 7.82
CA LYS A 149 -5.22 -9.62 7.19
C LYS A 149 -4.98 -11.13 7.23
N SER A 150 -3.73 -11.53 6.99
CA SER A 150 -3.36 -12.93 6.95
C SER A 150 -3.61 -13.64 8.29
N ILE A 151 -3.06 -13.07 9.35
CA ILE A 151 -3.19 -13.65 10.68
C ILE A 151 -4.63 -13.66 11.14
N ASP A 152 -5.37 -12.59 10.86
CA ASP A 152 -6.78 -12.57 11.24
C ASP A 152 -7.56 -13.70 10.55
N THR A 153 -7.39 -13.79 9.22
CA THR A 153 -8.10 -14.79 8.45
C THR A 153 -7.73 -16.20 8.93
N LEU A 155 -6.73 -17.12 11.91
CA LEU A 155 -7.36 -17.34 13.21
C LEU A 155 -8.83 -17.70 13.07
N TYR A 156 -9.54 -16.96 12.22
CA TYR A 156 -10.96 -17.20 12.02
C TYR A 156 -11.22 -18.57 11.42
N PHE A 157 -10.46 -18.94 10.40
CA PHE A 157 -10.63 -20.23 9.77
C PHE A 157 -10.26 -21.38 10.70
N LEU A 158 -9.23 -21.20 11.51
CA LEU A 158 -8.82 -22.22 12.46
C LEU A 158 -9.88 -22.47 13.51
N LEU A 159 -10.35 -21.39 14.12
CA LEU A 159 -11.32 -21.54 15.21
C LEU A 159 -12.73 -21.88 14.75
N PHE A 160 -13.15 -21.27 13.66
CA PHE A 160 -14.55 -21.27 13.29
C PHE A 160 -14.87 -22.07 12.03
N ASN A 161 -13.85 -22.67 11.41
CA ASN A 161 -14.07 -23.55 10.26
C ASN A 161 -13.45 -24.95 10.45
N ILE A 162 -12.14 -25.01 10.62
CA ILE A 162 -11.47 -26.29 10.77
C ILE A 162 -11.92 -27.04 12.03
N ALA A 163 -11.92 -26.37 13.17
CA ALA A 163 -12.26 -27.05 14.43
C ALA A 163 -13.72 -27.54 14.46
N PRO A 164 -14.68 -26.68 14.06
CA PRO A 164 -16.06 -27.16 14.00
C PRO A 164 -16.22 -28.35 13.07
N THR A 165 -15.53 -28.34 11.93
CA THR A 165 -15.59 -29.44 10.97
C THR A 165 -14.98 -30.72 11.54
N VAL A 166 -13.95 -30.60 12.38
CA VAL A 166 -13.40 -31.79 13.03
C VAL A 166 -14.45 -32.39 13.99
N ILE A 167 -15.09 -31.51 14.75
CA ILE A 167 -16.15 -31.95 15.66
C ILE A 167 -17.31 -32.64 14.93
N GLU A 168 -17.81 -31.98 13.89
CA GLU A 168 -18.90 -32.51 13.11
C GLU A 168 -18.50 -33.83 12.44
N LEU A 169 -17.27 -33.90 11.92
CA LEU A 169 -16.82 -35.11 11.24
C LEU A 169 -16.75 -36.30 12.20
N THR A 170 -16.25 -36.08 13.42
CA THR A 170 -16.23 -37.17 14.41
C THR A 170 -17.65 -37.60 14.76
N ALA A 171 -18.53 -36.62 14.94
CA ALA A 171 -19.92 -36.91 15.29
C ALA A 171 -20.62 -37.72 14.20
N VAL A 172 -20.41 -37.31 12.95
CA VAL A 172 -21.01 -38.01 11.81
C VAL A 172 -20.46 -39.43 11.74
N ILE A 173 -19.17 -39.60 12.03
CA ILE A 173 -18.58 -40.93 12.06
C ILE A 173 -19.28 -41.82 13.11
N VAL A 174 -19.47 -41.30 14.31
CA VAL A 174 -20.10 -42.05 15.41
C VAL A 174 -21.55 -42.43 15.07
N ILE A 175 -22.31 -41.46 14.59
CA ILE A 175 -23.72 -41.62 14.25
C ILE A 175 -23.96 -42.59 13.07
N PHE A 176 -23.14 -42.45 12.03
CA PHE A 176 -23.17 -43.36 10.89
C PHE A 176 -22.79 -44.77 11.35
N TRP A 177 -21.88 -44.83 12.32
CA TRP A 177 -21.41 -46.09 12.86
C TRP A 177 -22.58 -46.82 13.54
N LEU A 178 -23.24 -46.09 14.44
CA LEU A 178 -24.32 -46.65 15.24
C LEU A 178 -25.57 -46.99 14.43
N ASN A 179 -25.82 -46.29 13.32
CA ASN A 179 -27.09 -46.53 12.65
C ASN A 179 -27.00 -47.12 11.24
N PHE A 180 -25.79 -47.39 10.74
CA PHE A 180 -25.66 -47.84 9.35
C PHE A 180 -24.39 -48.64 9.09
N GLY A 181 -24.16 -48.95 7.82
CA GLY A 181 -22.88 -49.45 7.34
C GLY A 181 -22.35 -50.77 7.85
N LEU A 182 -21.11 -50.76 8.36
CA LEU A 182 -20.32 -49.54 8.53
C LEU A 182 -19.56 -49.23 7.24
N GLY A 183 -20.06 -49.78 6.13
CA GLY A 183 -19.55 -49.45 4.82
C GLY A 183 -19.72 -47.95 4.59
N LEU A 184 -20.78 -47.39 5.18
CA LEU A 184 -21.04 -45.97 5.08
C LEU A 184 -19.89 -45.17 5.70
N VAL A 185 -19.48 -45.60 6.89
CA VAL A 185 -18.42 -44.93 7.65
C VAL A 185 -17.12 -44.88 6.86
N THR A 186 -16.71 -46.06 6.37
CA THR A 186 -15.46 -46.15 5.62
C THR A 186 -15.55 -45.37 4.31
N ALA A 187 -16.72 -45.39 3.67
CA ALA A 187 -16.89 -44.64 2.42
C ALA A 187 -16.72 -43.12 2.64
N THR A 188 -17.38 -42.59 3.67
CA THR A 188 -17.27 -41.17 3.95
C THR A 188 -15.87 -40.77 4.41
N ILE A 189 -15.24 -41.60 5.24
CA ILE A 189 -13.89 -41.29 5.72
C ILE A 189 -12.88 -41.29 4.56
N LEU A 190 -12.99 -42.30 3.70
CA LEU A 190 -12.15 -42.33 2.51
C LEU A 190 -12.42 -41.09 1.67
N ALA A 191 -13.69 -40.69 1.58
CA ALA A 191 -14.05 -39.54 0.78
C ALA A 191 -13.42 -38.25 1.33
N VAL A 192 -13.46 -38.09 2.65
CA VAL A 192 -12.91 -36.91 3.31
C VAL A 192 -11.40 -36.88 3.10
N ILE A 193 -10.76 -38.04 3.21
CA ILE A 193 -9.31 -38.15 2.99
C ILE A 193 -8.92 -37.81 1.57
N ALA A 194 -9.65 -38.36 0.60
CA ALA A 194 -9.40 -38.05 -0.80
C ALA A 194 -9.60 -36.56 -1.04
N TYR A 195 -10.64 -36.01 -0.41
CA TYR A 195 -10.99 -34.61 -0.57
C TYR A 195 -9.87 -33.71 -0.07
N VAL A 196 -9.39 -33.96 1.15
CA VAL A 196 -8.34 -33.14 1.73
C VAL A 196 -7.06 -33.28 0.92
N TRP A 197 -6.69 -34.51 0.58
CA TRP A 197 -5.44 -34.71 -0.16
C TRP A 197 -5.47 -34.00 -1.52
N THR A 198 -6.56 -34.15 -2.25
CA THR A 198 -6.74 -33.49 -3.55
C THR A 198 -6.69 -31.98 -3.43
N THR A 199 -7.44 -31.45 -2.47
CA THR A 199 -7.52 -30.00 -2.27
C THR A 199 -6.14 -29.42 -1.96
N ARG A 200 -5.41 -30.11 -1.10
CA ARG A 200 -4.09 -29.66 -0.68
C ARG A 200 -3.12 -29.66 -1.85
N THR A 201 -3.06 -30.77 -2.58
CA THR A 201 -2.08 -30.83 -3.67
C THR A 201 -2.42 -29.82 -4.76
N ILE A 202 -3.70 -29.69 -5.12
CA ILE A 202 -4.11 -28.70 -6.12
C ILE A 202 -3.83 -27.27 -5.63
N THR A 203 -4.04 -27.04 -4.34
CA THR A 203 -3.82 -25.71 -3.75
C THR A 203 -2.35 -25.29 -3.81
N GLU A 204 -1.43 -26.25 -3.66
CA GLU A 204 -0.01 -25.88 -3.75
C GLU A 204 0.33 -25.25 -5.13
N TRP A 205 -0.13 -25.96 -6.16
CA TRP A 205 0.01 -25.51 -7.53
C TRP A 205 -0.68 -24.16 -7.74
N ARG A 206 -1.87 -24.05 -7.19
CA ARG A 206 -2.66 -22.85 -7.35
C ARG A 206 -1.97 -21.63 -6.73
N THR A 207 -1.36 -21.84 -5.57
CA THR A 207 -0.67 -20.77 -4.85
C THR A 207 0.56 -20.29 -5.62
N HIS A 208 1.28 -21.23 -6.22
CA HIS A 208 2.41 -20.83 -7.06
C HIS A 208 1.95 -19.94 -8.23
N LEU A 209 0.88 -20.35 -8.89
CA LEU A 209 0.31 -19.54 -9.98
C LEU A 209 -0.15 -18.15 -9.50
N ARG A 210 -0.67 -18.11 -8.27
CA ARG A 210 -1.13 -16.87 -7.68
C ARG A 210 0.05 -15.90 -7.50
N GLU A 211 1.18 -16.43 -7.03
CA GLU A 211 2.38 -15.61 -6.81
C GLU A 211 2.88 -15.03 -8.13
N LYS A 212 2.92 -15.87 -9.17
CA LYS A 212 3.36 -15.39 -10.49
C LYS A 212 2.43 -14.29 -11.03
N ASN A 214 0.66 -12.28 -9.24
CA ASN A 214 0.82 -11.09 -8.42
C ASN A 214 2.08 -10.27 -8.78
N ARG A 215 3.15 -10.99 -9.08
CA ARG A 215 4.38 -10.38 -9.54
C ARG A 215 4.19 -9.65 -10.89
N LEU A 216 3.51 -10.31 -11.83
CA LEU A 216 3.22 -9.66 -13.12
C LEU A 216 2.31 -8.44 -12.94
N ASP A 217 1.36 -8.55 -12.02
CA ASP A 217 0.49 -7.44 -11.70
C ASP A 217 1.26 -6.20 -11.20
N GLY A 218 2.18 -6.44 -10.26
CA GLY A 218 3.01 -5.39 -9.71
C GLY A 218 3.88 -4.72 -10.76
N GLN A 219 4.41 -5.51 -11.70
CA GLN A 219 5.22 -4.94 -12.76
C GLN A 219 4.39 -4.05 -13.70
N ALA A 220 3.19 -4.50 -14.09
CA ALA A 220 2.34 -3.65 -14.95
C ALA A 220 1.94 -2.36 -14.25
N LEU A 221 1.58 -2.48 -12.98
CA LEU A 221 1.19 -1.33 -12.20
C LEU A 221 2.33 -0.32 -12.03
N ALA A 222 3.53 -0.83 -11.80
CA ALA A 222 4.69 0.02 -11.61
C ALA A 222 5.01 0.78 -12.90
N ARG A 223 4.90 0.10 -14.04
CA ARG A 223 5.10 0.83 -15.29
C ARG A 223 4.09 1.96 -15.45
N ALA A 224 2.82 1.65 -15.19
CA ALA A 224 1.77 2.65 -15.33
C ALA A 224 2.01 3.86 -14.41
N VAL A 225 2.35 3.57 -13.16
CA VAL A 225 2.58 4.61 -12.17
C VAL A 225 3.80 5.48 -12.50
N ASP A 226 4.88 4.83 -12.97
CA ASP A 226 6.12 5.54 -13.31
C ASP A 226 5.80 6.54 -14.43
N SER A 227 5.02 6.07 -15.40
CA SER A 227 4.59 6.93 -16.49
C SER A 227 3.76 8.13 -15.99
N LEU A 228 2.75 7.86 -15.18
CA LEU A 228 1.86 8.92 -14.71
C LEU A 228 2.56 9.97 -13.88
N LEU A 229 3.47 9.55 -13.01
CA LEU A 229 4.19 10.52 -12.17
C LEU A 229 5.31 11.22 -12.96
N ASN A 230 5.58 10.73 -14.17
CA ASN A 230 6.55 11.36 -15.05
C ASN A 230 5.91 11.86 -16.33
N TYR A 231 4.68 12.32 -16.17
CA TYR A 231 3.92 12.88 -17.27
C TYR A 231 4.66 13.98 -18.04
N GLU A 232 5.36 14.87 -17.34
CA GLU A 232 6.10 15.98 -17.98
C GLU A 232 7.20 15.44 -18.92
N THR A 233 7.99 14.51 -18.39
CA THR A 233 9.07 13.90 -19.15
C THR A 233 8.52 13.14 -20.34
N VAL A 234 7.40 12.44 -20.14
CA VAL A 234 6.73 11.74 -21.22
C VAL A 234 6.30 12.71 -22.32
N LYS A 235 5.79 13.88 -21.91
CA LYS A 235 5.46 14.94 -22.87
C LYS A 235 6.65 15.52 -23.61
N TYR A 236 7.73 15.81 -22.89
CA TYR A 236 8.92 16.45 -23.47
C TYR A 236 9.47 15.63 -24.61
N PHE A 237 9.38 14.31 -24.47
CA PHE A 237 9.99 13.45 -25.45
C PHE A 237 9.00 12.76 -26.37
N GLY A 238 7.73 13.18 -26.31
CA GLY A 238 6.69 12.64 -27.16
C GLY A 238 6.59 11.13 -27.00
N ALA A 239 6.66 10.66 -25.76
CA ALA A 239 6.83 9.24 -25.54
C ALA A 239 5.50 8.53 -25.17
N GLU A 240 4.37 9.17 -25.49
CA GLU A 240 3.05 8.67 -25.10
C GLU A 240 2.79 7.27 -25.66
N SER A 241 3.03 7.09 -26.96
CA SER A 241 2.89 5.78 -27.59
C SER A 241 3.81 4.76 -26.95
N ARG A 242 5.06 5.16 -26.71
CA ARG A 242 6.02 4.22 -26.13
C ARG A 242 5.53 3.75 -24.76
N GLU A 243 5.05 4.68 -23.95
CA GLU A 243 4.56 4.35 -22.62
C GLU A 243 3.30 3.48 -22.68
N GLU A 244 2.45 3.73 -23.68
CA GLU A 244 1.26 2.95 -23.86
C GLU A 244 1.57 1.50 -24.23
N ALA A 245 2.47 1.31 -25.19
CA ALA A 245 2.89 -0.01 -25.61
C ALA A 245 3.61 -0.76 -24.48
N ARG A 246 4.45 -0.01 -23.78
CA ARG A 246 5.21 -0.54 -22.65
C ARG A 246 4.25 -1.00 -21.52
N TYR A 247 3.17 -0.26 -21.30
CA TYR A 247 2.17 -0.71 -20.35
C TYR A 247 1.43 -1.94 -20.88
N ALA A 248 1.11 -1.93 -22.16
CA ALA A 248 0.29 -2.96 -22.76
C ALA A 248 0.94 -4.34 -22.71
N SER A 249 2.24 -4.41 -22.97
CA SER A 249 2.91 -5.71 -22.97
C SER A 249 2.87 -6.33 -21.58
N ALA A 250 3.14 -5.50 -20.58
CA ALA A 250 3.10 -5.91 -19.19
C ALA A 250 1.68 -6.33 -18.79
N ALA A 251 0.71 -5.58 -19.30
CA ALA A 251 -0.69 -5.82 -18.98
C ALA A 251 -1.14 -7.16 -19.56
N ARG A 252 -0.67 -7.48 -20.75
CA ARG A 252 -0.95 -8.76 -21.38
C ARG A 252 -0.30 -9.91 -20.62
N ALA A 253 0.95 -9.71 -20.19
CA ALA A 253 1.62 -10.74 -19.39
C ALA A 253 0.81 -11.04 -18.12
N TYR A 254 0.35 -9.97 -17.46
CA TYR A 254 -0.48 -10.13 -16.28
C TYR A 254 -1.79 -10.85 -16.60
N ALA A 255 -2.46 -10.45 -17.69
CA ALA A 255 -3.73 -11.07 -18.03
C ALA A 255 -3.57 -12.59 -18.27
N ASP A 256 -2.47 -12.97 -18.91
CA ASP A 256 -2.19 -14.37 -19.15
C ASP A 256 -2.05 -15.08 -17.80
N ALA A 257 -1.24 -14.49 -16.92
CA ALA A 257 -1.04 -15.10 -15.60
C ALA A 257 -2.36 -15.23 -14.81
N ALA A 258 -3.19 -14.21 -14.91
CA ALA A 258 -4.47 -14.15 -14.22
C ALA A 258 -5.44 -15.20 -14.76
N VAL A 259 -5.43 -15.41 -16.07
CA VAL A 259 -6.30 -16.40 -16.69
C VAL A 259 -5.94 -17.81 -16.22
N LYS A 260 -4.66 -18.14 -16.23
CA LYS A 260 -4.22 -19.44 -15.74
C LYS A 260 -4.63 -19.60 -14.27
N SER A 261 -4.37 -18.55 -13.49
CA SER A 261 -4.64 -18.59 -12.06
C SER A 261 -6.12 -18.81 -11.74
N GLU A 262 -7.02 -18.12 -12.44
CA GLU A 262 -8.44 -18.33 -12.21
C GLU A 262 -8.89 -19.70 -12.71
N ASN A 263 -8.34 -20.13 -13.85
CA ASN A 263 -8.74 -21.41 -14.42
C ASN A 263 -8.47 -22.60 -13.47
N SER A 264 -7.34 -22.52 -12.78
CA SER A 264 -7.01 -23.56 -11.81
C SER A 264 -8.07 -23.67 -10.70
N LEU A 265 -8.74 -22.57 -10.35
CA LEU A 265 -9.81 -22.64 -9.37
C LEU A 265 -10.95 -23.53 -9.86
N GLY A 266 -11.28 -23.41 -11.15
CA GLY A 266 -12.30 -24.24 -11.78
C GLY A 266 -11.91 -25.70 -11.67
N LEU A 267 -10.63 -25.99 -11.93
CA LEU A 267 -10.16 -27.37 -11.79
C LEU A 267 -10.33 -27.90 -10.36
N LEU A 268 -9.96 -27.09 -9.36
CA LEU A 268 -10.12 -27.56 -7.98
C LEU A 268 -11.59 -27.82 -7.62
N ASN A 269 -12.47 -26.93 -8.10
CA ASN A 269 -13.88 -27.06 -7.79
C ASN A 269 -14.45 -28.36 -8.39
N ILE A 270 -14.06 -28.63 -9.64
CA ILE A 270 -14.49 -29.85 -10.30
C ILE A 270 -13.97 -31.10 -9.58
N ALA A 271 -12.69 -31.11 -9.20
CA ALA A 271 -12.16 -32.27 -8.50
C ALA A 271 -12.94 -32.51 -7.21
N GLN A 272 -13.22 -31.42 -6.49
CA GLN A 272 -13.93 -31.54 -5.23
C GLN A 272 -15.36 -32.10 -5.40
N ALA A 273 -16.07 -31.57 -6.39
CA ALA A 273 -17.44 -31.98 -6.63
C ALA A 273 -17.50 -33.43 -7.10
N LEU A 274 -16.45 -33.85 -7.83
CA LEU A 274 -16.35 -35.24 -8.24
C LEU A 274 -16.25 -36.16 -7.03
N ILE A 275 -15.35 -35.84 -6.09
CA ILE A 275 -15.23 -36.68 -4.89
C ILE A 275 -16.55 -36.72 -4.09
N VAL A 276 -17.09 -35.52 -3.82
CA VAL A 276 -18.28 -35.38 -3.00
C VAL A 276 -19.43 -36.19 -3.62
N ASN A 277 -19.61 -36.03 -4.92
CA ASN A 277 -20.72 -36.67 -5.62
C ASN A 277 -20.60 -38.19 -5.81
N LEU A 278 -19.37 -38.71 -5.89
CA LEU A 278 -19.22 -40.16 -5.80
C LEU A 278 -19.75 -40.61 -4.43
N LEU A 279 -19.28 -39.94 -3.37
CA LEU A 279 -19.75 -40.34 -2.04
C LEU A 279 -21.27 -40.23 -1.88
N ALA A 281 -23.63 -40.41 -4.34
CA ALA A 281 -24.29 -41.45 -5.12
C ALA A 281 -24.23 -42.80 -4.41
N GLY A 282 -23.03 -43.17 -3.95
CA GLY A 282 -22.84 -44.44 -3.30
C GLY A 282 -23.65 -44.54 -2.01
N ALA A 283 -23.56 -43.50 -1.20
CA ALA A 283 -24.22 -43.48 0.11
C ALA A 283 -25.74 -43.53 -0.03
N ALA A 285 -27.52 -44.58 -2.79
CA ALA A 285 -27.85 -45.87 -3.39
C ALA A 285 -27.86 -46.96 -2.31
N TRP A 286 -26.85 -46.92 -1.45
CA TRP A 286 -26.73 -47.88 -0.37
C TRP A 286 -27.88 -47.75 0.61
N THR A 287 -28.27 -46.51 0.90
CA THR A 287 -29.39 -46.28 1.82
C THR A 287 -30.71 -46.80 1.25
N VAL A 288 -30.94 -46.60 -0.04
CA VAL A 288 -32.16 -47.10 -0.67
C VAL A 288 -32.18 -48.64 -0.74
N TYR A 289 -31.03 -49.24 -1.01
CA TYR A 289 -30.93 -50.68 -1.04
C TYR A 289 -31.22 -51.27 0.34
N GLY A 290 -30.74 -50.58 1.38
CA GLY A 290 -31.03 -50.94 2.76
C GLY A 290 -32.49 -50.75 3.08
N TRP A 291 -33.12 -49.77 2.44
CA TRP A 291 -34.54 -49.56 2.61
C TRP A 291 -35.27 -50.76 2.06
N SER A 292 -34.80 -51.25 0.91
CA SER A 292 -35.46 -52.35 0.21
C SER A 292 -35.53 -53.63 1.04
N GLN A 293 -34.55 -53.81 1.92
CA GLN A 293 -34.51 -54.99 2.75
C GLN A 293 -35.28 -54.83 4.07
N GLY A 294 -35.96 -53.71 4.22
CA GLY A 294 -36.72 -53.45 5.43
C GLY A 294 -35.81 -53.08 6.59
N LYS A 295 -34.53 -52.92 6.30
CA LYS A 295 -33.56 -52.41 7.27
C LYS A 295 -33.70 -50.92 7.56
N LEU A 296 -33.99 -50.13 6.53
CA LEU A 296 -34.02 -48.67 6.69
C LEU A 296 -35.31 -47.98 6.23
N THR A 297 -35.66 -46.89 6.90
CA THR A 297 -36.80 -46.08 6.48
C THR A 297 -36.47 -45.19 5.27
N VAL A 298 -37.50 -44.68 4.60
CA VAL A 298 -37.30 -43.73 3.50
C VAL A 298 -36.76 -42.39 4.00
N GLY A 299 -37.14 -42.00 5.21
CA GLY A 299 -36.65 -40.79 5.84
C GLY A 299 -35.14 -40.90 6.05
N ASP A 300 -34.65 -42.13 6.11
CA ASP A 300 -33.22 -42.38 6.26
C ASP A 300 -32.42 -41.83 5.08
N LEU A 301 -33.01 -41.86 3.89
CA LEU A 301 -32.38 -41.34 2.69
C LEU A 301 -32.15 -39.83 2.81
N VAL A 302 -33.22 -39.15 3.23
CA VAL A 302 -33.16 -37.71 3.47
C VAL A 302 -32.11 -37.40 4.53
N PHE A 303 -32.09 -38.22 5.58
CA PHE A 303 -31.16 -38.05 6.70
C PHE A 303 -29.70 -38.17 6.24
N VAL A 304 -29.39 -39.23 5.50
CA VAL A 304 -28.01 -39.45 5.06
C VAL A 304 -27.54 -38.33 4.12
N ASN A 305 -28.40 -38.00 3.14
CA ASN A 305 -28.08 -36.94 2.19
C ASN A 305 -27.81 -35.60 2.87
N THR A 306 -28.71 -35.24 3.79
CA THR A 306 -28.56 -33.99 4.54
C THR A 306 -27.28 -33.99 5.36
N TYR A 307 -26.96 -35.12 6.00
CA TYR A 307 -25.74 -35.20 6.80
C TYR A 307 -24.49 -34.95 5.95
N LEU A 308 -24.46 -35.54 4.77
CA LEU A 308 -23.32 -35.40 3.88
C LEU A 308 -23.12 -33.97 3.33
N THR A 309 -24.21 -33.33 2.90
CA THR A 309 -24.10 -31.95 2.40
C THR A 309 -23.72 -30.97 3.52
N GLN A 310 -24.30 -31.17 4.70
CA GLN A 310 -23.91 -30.36 5.85
C GLN A 310 -22.44 -30.56 6.18
N LEU A 311 -21.97 -31.80 6.03
CA LEU A 311 -20.58 -32.12 6.32
C LEU A 311 -19.62 -31.41 5.37
N PHE A 312 -19.96 -31.47 4.08
CA PHE A 312 -19.03 -31.01 3.06
C PHE A 312 -19.19 -29.51 2.73
N ARG A 313 -20.16 -28.85 3.37
CA ARG A 313 -20.31 -27.41 3.11
C ARG A 313 -19.15 -26.55 3.60
N PRO A 314 -18.68 -26.74 4.86
CA PRO A 314 -17.49 -25.96 5.23
C PRO A 314 -16.28 -26.33 4.37
N LEU A 315 -16.23 -27.58 3.92
CA LEU A 315 -15.08 -28.06 3.15
C LEU A 315 -15.10 -27.53 1.72
N ASP A 316 -16.15 -26.79 1.38
CA ASP A 316 -16.22 -26.16 0.07
C ASP A 316 -15.18 -25.06 -0.04
N LEU A 318 -12.13 -25.30 1.46
CA LEU A 318 -10.90 -25.89 2.00
C LEU A 318 -9.61 -25.38 1.31
N GLY A 319 -9.69 -25.12 0.01
CA GLY A 319 -8.54 -24.65 -0.72
C GLY A 319 -8.10 -23.32 -0.12
N VAL A 321 -9.01 -21.81 2.62
CA VAL A 321 -8.68 -22.01 4.04
C VAL A 321 -7.24 -22.48 4.17
N TYR A 322 -6.91 -23.53 3.40
CA TYR A 322 -5.58 -24.09 3.47
C TYR A 322 -4.54 -22.99 3.11
N ARG A 323 -4.78 -22.26 2.04
CA ARG A 323 -3.84 -21.22 1.67
C ARG A 323 -3.68 -20.18 2.79
N THR A 324 -4.79 -19.80 3.39
CA THR A 324 -4.73 -18.70 4.35
C THR A 324 -4.05 -19.13 5.66
N ILE A 325 -4.48 -20.26 6.21
CA ILE A 325 -3.97 -20.70 7.50
C ILE A 325 -2.45 -20.86 7.43
N ARG A 326 -1.99 -21.45 6.33
CA ARG A 326 -0.59 -21.68 6.11
C ARG A 326 0.14 -20.31 6.13
N GLN A 327 -0.37 -19.37 5.33
CA GLN A 327 0.27 -18.08 5.23
C GLN A 327 0.26 -17.40 6.59
N GLY A 328 -0.85 -17.57 7.30
CA GLY A 328 -1.01 -16.92 8.58
C GLY A 328 0.07 -17.45 9.48
N LEU A 329 0.25 -18.77 9.46
CA LEU A 329 1.21 -19.42 10.36
C LEU A 329 2.63 -18.96 10.06
N ILE A 330 2.91 -18.70 8.79
CA ILE A 330 4.20 -18.19 8.43
C ILE A 330 4.38 -16.81 9.07
N ASP A 331 3.38 -15.94 8.88
CA ASP A 331 3.53 -14.55 9.31
C ASP A 331 3.71 -14.49 10.82
N ALA A 333 4.89 -16.83 12.74
CA ALA A 333 6.21 -17.34 13.11
C ALA A 333 7.20 -16.18 13.01
N GLU A 334 7.07 -15.40 11.95
CA GLU A 334 7.97 -14.24 11.77
C GLU A 334 7.84 -13.30 12.99
N PHE A 336 7.03 -14.13 16.01
CA PHE A 336 7.61 -14.74 17.19
C PHE A 336 9.12 -14.72 17.06
N ARG A 337 9.60 -14.84 15.81
CA ARG A 337 11.04 -14.78 15.56
C ARG A 337 11.56 -13.40 16.05
N LEU A 338 10.85 -12.32 15.70
CA LEU A 338 11.27 -11.00 16.16
C LEU A 338 11.28 -10.92 17.68
N ILE A 339 10.28 -11.52 18.30
CA ILE A 339 10.16 -11.48 19.74
C ILE A 339 11.30 -12.27 20.36
N ASP A 340 11.76 -13.29 19.65
CA ASP A 340 12.81 -14.14 20.18
C ASP A 340 14.17 -13.53 20.04
N THR A 341 14.34 -12.70 19.02
CA THR A 341 15.64 -12.08 18.71
C THR A 341 16.18 -11.36 19.92
N HIS A 342 17.45 -11.58 20.21
CA HIS A 342 18.02 -11.08 21.45
C HIS A 342 18.50 -9.63 21.34
N ILE A 343 18.56 -9.02 22.51
CA ILE A 343 18.81 -7.61 22.69
C ILE A 343 20.28 -7.36 22.97
N GLU A 344 20.95 -6.68 22.04
CA GLU A 344 22.35 -6.35 22.17
C GLU A 344 22.60 -5.47 23.41
N VAL A 345 21.82 -4.41 23.58
CA VAL A 345 22.07 -3.51 24.71
C VAL A 345 20.94 -3.53 25.70
N ALA A 346 21.23 -4.05 26.89
CA ALA A 346 20.21 -4.23 27.90
C ALA A 346 20.72 -3.66 29.20
N ASP A 347 19.79 -3.29 30.07
CA ASP A 347 20.18 -2.87 31.41
C ASP A 347 20.71 -4.11 32.13
N VAL A 348 21.69 -3.90 32.99
CA VAL A 348 22.10 -4.99 33.86
C VAL A 348 20.96 -5.29 34.85
N PRO A 349 20.95 -6.48 35.44
CA PRO A 349 19.91 -6.78 36.42
C PRO A 349 19.92 -5.78 37.58
N ASN A 350 18.72 -5.32 37.98
CA ASN A 350 18.58 -4.38 39.10
C ASN A 350 19.41 -3.09 38.93
N ALA A 351 19.47 -2.58 37.70
CA ALA A 351 20.32 -1.43 37.41
C ALA A 351 19.82 -0.23 38.16
N PRO A 352 20.74 0.46 38.85
CA PRO A 352 20.43 1.72 39.53
C PRO A 352 20.26 2.81 38.46
N ALA A 353 19.64 3.92 38.87
CA ALA A 353 19.53 5.06 37.99
C ALA A 353 20.90 5.76 37.93
N LEU A 354 21.19 6.42 36.80
CA LEU A 354 22.36 7.28 36.74
C LEU A 354 22.03 8.50 37.56
N VAL A 355 22.91 8.88 38.49
CA VAL A 355 22.65 10.06 39.29
C VAL A 355 23.68 11.15 39.03
N VAL A 356 23.24 12.18 38.28
CA VAL A 356 24.11 13.23 37.79
C VAL A 356 24.06 14.43 38.72
N ASN A 357 25.08 14.56 39.57
CA ASN A 357 25.19 15.71 40.47
C ASN A 357 26.19 16.74 39.94
N ARG A 358 27.26 16.26 39.33
CA ARG A 358 28.20 17.09 38.59
C ARG A 358 28.45 16.42 37.23
N PRO A 359 27.96 17.04 36.13
CA PRO A 359 27.90 16.31 34.85
C PRO A 359 29.21 16.21 34.05
N SER A 360 30.21 15.53 34.61
CA SER A 360 31.44 15.23 33.90
C SER A 360 31.23 14.06 32.97
N VAL A 361 31.99 14.02 31.87
CA VAL A 361 31.98 12.89 30.93
C VAL A 361 33.38 12.32 30.71
N THR A 362 33.52 11.01 30.86
CA THR A 362 34.80 10.34 30.71
C THR A 362 34.73 9.24 29.69
N PHE A 363 35.69 9.22 28.77
CA PHE A 363 35.95 8.04 27.99
C PHE A 363 37.22 7.41 28.55
N ASP A 364 37.10 6.18 29.00
CA ASP A 364 38.20 5.47 29.62
C ASP A 364 38.62 4.28 28.76
N ASN A 365 39.70 4.48 27.99
CA ASN A 365 40.31 3.42 27.19
C ASN A 365 39.34 2.68 26.28
N VAL A 366 38.58 3.44 25.49
CA VAL A 366 37.48 2.85 24.74
C VAL A 366 37.93 2.26 23.42
N VAL A 367 37.63 0.96 23.27
CA VAL A 367 37.86 0.21 22.04
C VAL A 367 36.49 -0.19 21.50
N PHE A 368 36.23 0.15 20.25
CA PHE A 368 34.92 -0.04 19.65
C PHE A 368 34.95 -0.07 18.13
N GLY A 369 34.01 -0.79 17.53
CA GLY A 369 33.77 -0.71 16.10
C GLY A 369 32.33 -1.15 15.89
N TYR A 370 31.71 -0.77 14.78
CA TYR A 370 30.36 -1.27 14.52
C TYR A 370 30.38 -2.74 14.26
N ASP A 371 31.45 -3.20 13.65
CA ASP A 371 31.59 -4.62 13.35
C ASP A 371 32.94 -5.14 13.83
N ARG A 372 32.95 -6.41 14.23
CA ARG A 372 34.13 -7.01 14.83
C ARG A 372 35.35 -7.15 13.93
N ASP A 373 35.17 -6.99 12.62
CA ASP A 373 36.31 -7.06 11.71
C ASP A 373 36.90 -5.69 11.38
N ARG A 374 36.31 -4.64 11.92
CA ARG A 374 36.77 -3.28 11.69
C ARG A 374 36.70 -2.39 12.94
N GLU A 375 37.80 -2.33 13.66
CA GLU A 375 37.90 -1.56 14.89
C GLU A 375 38.15 -0.08 14.53
N ILE A 376 37.43 0.83 15.18
CA ILE A 376 37.50 2.26 14.91
C ILE A 376 38.18 3.05 16.01
N LEU A 377 37.71 2.89 17.25
CA LEU A 377 38.40 3.48 18.39
C LEU A 377 39.40 2.43 18.95
N HIS A 378 40.63 2.86 19.20
CA HIS A 378 41.69 1.93 19.57
C HIS A 378 42.23 2.16 20.98
N GLY A 379 41.40 2.73 21.85
CA GLY A 379 41.85 3.09 23.17
C GLY A 379 41.69 4.58 23.38
N LEU A 380 40.51 5.09 23.02
CA LEU A 380 40.21 6.51 23.15
C LEU A 380 39.96 6.88 24.60
N SER A 381 40.74 7.84 25.10
CA SER A 381 40.57 8.36 26.45
C SER A 381 40.48 9.86 26.46
N PHE A 382 39.49 10.39 27.17
CA PHE A 382 39.41 11.83 27.40
C PHE A 382 38.45 12.18 28.55
N GLU A 383 38.61 13.39 29.08
CA GLU A 383 37.78 13.87 30.17
C GLU A 383 37.09 15.18 29.74
N VAL A 384 35.78 15.25 29.91
CA VAL A 384 35.08 16.50 29.66
C VAL A 384 34.65 17.04 31.01
N ALA A 385 35.16 18.22 31.36
CA ALA A 385 34.89 18.82 32.67
C ALA A 385 33.46 19.27 32.77
N ALA A 386 32.93 19.25 33.98
CA ALA A 386 31.56 19.66 34.20
C ALA A 386 31.40 21.14 33.87
N GLY A 387 30.43 21.43 33.01
CA GLY A 387 30.06 22.77 32.62
C GLY A 387 30.94 23.37 31.53
N SER A 388 31.95 22.64 31.10
CA SER A 388 32.82 23.14 30.03
C SER A 388 32.18 22.92 28.67
N ARG A 389 32.61 23.74 27.72
CA ARG A 389 32.18 23.55 26.34
C ARG A 389 33.38 23.00 25.57
N VAL A 390 33.27 21.78 25.07
CA VAL A 390 34.39 21.17 24.39
C VAL A 390 33.99 20.76 22.99
N ALA A 391 34.98 20.63 22.13
CA ALA A 391 34.75 20.17 20.76
C ALA A 391 35.60 18.93 20.51
N ILE A 392 35.08 18.07 19.64
CA ILE A 392 35.84 16.92 19.20
C ILE A 392 35.92 17.00 17.68
N VAL A 393 37.14 17.08 17.16
CA VAL A 393 37.35 17.16 15.73
C VAL A 393 38.42 16.14 15.37
N GLY A 394 38.51 15.81 14.09
CA GLY A 394 39.60 14.99 13.61
C GLY A 394 39.43 14.76 12.12
N PRO A 395 40.44 14.16 11.47
CA PRO A 395 40.27 13.81 10.06
C PRO A 395 39.48 12.49 9.85
N SER A 396 39.46 11.97 8.62
CA SER A 396 38.48 11.00 8.18
C SER A 396 38.37 9.65 8.93
N GLY A 397 39.44 9.21 9.58
CA GLY A 397 39.39 7.95 10.32
C GLY A 397 39.41 8.13 11.83
N ALA A 398 39.14 9.34 12.28
CA ALA A 398 39.34 9.68 13.69
C ALA A 398 38.44 8.86 14.56
N GLY A 399 37.24 8.57 14.05
CA GLY A 399 36.21 7.85 14.78
C GLY A 399 35.26 8.75 15.56
N LYS A 400 35.30 10.04 15.26
CA LYS A 400 34.48 10.99 16.04
C LYS A 400 32.96 10.76 15.90
N SER A 401 32.55 10.22 14.76
CA SER A 401 31.15 9.94 14.51
C SER A 401 30.60 8.77 15.36
N THR A 402 31.45 8.17 16.18
CA THR A 402 30.99 7.11 17.06
C THR A 402 30.62 7.67 18.44
N ILE A 403 31.15 8.86 18.75
CA ILE A 403 31.06 9.37 20.13
C ILE A 403 29.62 9.45 20.68
N ALA A 404 28.75 10.15 19.96
CA ALA A 404 27.39 10.33 20.43
C ALA A 404 26.69 8.97 20.55
N ARG A 405 26.92 8.10 19.58
CA ARG A 405 26.23 6.81 19.60
C ARG A 405 26.69 6.02 20.81
N LEU A 406 27.95 6.18 21.19
CA LEU A 406 28.41 5.50 22.38
C LEU A 406 27.80 6.14 23.62
N LEU A 407 27.64 7.46 23.63
CA LEU A 407 27.09 8.15 24.82
C LEU A 407 25.63 7.80 25.12
N PHE A 408 24.84 7.66 24.07
CA PHE A 408 23.44 7.33 24.23
C PHE A 408 23.32 5.82 24.40
N ARG A 409 24.49 5.15 24.36
CA ARG A 409 24.56 3.72 24.50
C ARG A 409 23.70 3.00 23.45
N PHE A 410 23.77 3.45 22.21
CA PHE A 410 23.27 2.70 21.07
C PHE A 410 24.12 1.42 20.93
N TYR A 411 25.39 1.50 21.31
CA TYR A 411 26.28 0.33 21.34
C TYR A 411 27.14 0.40 22.60
N ASP A 412 27.76 -0.72 22.94
CA ASP A 412 28.67 -0.80 24.08
C ASP A 412 30.11 -0.86 23.57
N PRO A 413 31.06 -0.38 24.39
CA PRO A 413 32.45 -0.58 24.01
C PRO A 413 32.86 -2.06 24.02
N TRP A 414 33.71 -2.46 23.06
CA TRP A 414 34.34 -3.78 23.09
C TRP A 414 35.23 -3.88 24.34
N GLU A 415 35.97 -2.81 24.62
CA GLU A 415 36.81 -2.71 25.80
C GLU A 415 36.71 -1.29 26.33
N GLY A 416 37.00 -1.11 27.61
CA GLY A 416 36.95 0.22 28.19
C GLY A 416 35.53 0.56 28.61
N ARG A 417 35.32 1.81 28.99
CA ARG A 417 34.03 2.22 29.50
C ARG A 417 33.84 3.72 29.36
N ILE A 418 32.59 4.13 29.45
CA ILE A 418 32.22 5.54 29.48
C ILE A 418 31.58 5.88 30.82
N LEU A 419 31.93 7.03 31.38
CA LEU A 419 31.37 7.45 32.66
C LEU A 419 30.71 8.81 32.58
N ILE A 420 29.60 8.95 33.28
CA ILE A 420 29.03 10.28 33.49
C ILE A 420 28.94 10.46 34.99
N ASP A 421 29.50 11.56 35.50
CA ASP A 421 29.59 11.76 36.95
C ASP A 421 30.19 10.54 37.67
N GLY A 422 31.19 9.92 37.07
CA GLY A 422 31.88 8.83 37.72
C GLY A 422 31.17 7.50 37.68
N GLN A 423 30.08 7.41 36.92
CA GLN A 423 29.30 6.20 36.87
C GLN A 423 29.38 5.56 35.48
N ASP A 424 29.71 4.27 35.45
CA ASP A 424 29.77 3.54 34.20
C ASP A 424 28.37 3.47 33.58
N ILE A 425 28.23 4.04 32.39
CA ILE A 425 26.91 4.13 31.77
C ILE A 425 26.41 2.74 31.32
N ALA A 426 27.30 1.76 31.28
CA ALA A 426 26.92 0.39 30.97
C ALA A 426 26.15 -0.24 32.12
N HIS A 427 26.32 0.31 33.32
CA HIS A 427 25.75 -0.30 34.52
C HIS A 427 24.50 0.42 35.07
N VAL A 428 24.00 1.43 34.37
CA VAL A 428 22.81 2.13 34.83
C VAL A 428 21.63 1.87 33.91
N THR A 429 20.44 2.26 34.34
CA THR A 429 19.30 2.14 33.46
C THR A 429 19.47 3.04 32.26
N GLN A 430 19.12 2.51 31.10
CA GLN A 430 19.21 3.27 29.88
C GLN A 430 18.37 4.56 29.91
N THR A 431 17.19 4.53 30.55
CA THR A 431 16.29 5.68 30.52
C THR A 431 16.80 6.90 31.29
N SER A 432 17.45 6.66 32.42
CA SER A 432 18.04 7.73 33.20
C SER A 432 19.26 8.31 32.45
N LEU A 433 20.03 7.39 31.86
CA LEU A 433 21.19 7.78 31.11
C LEU A 433 20.77 8.71 29.99
N ARG A 434 19.75 8.31 29.25
CA ARG A 434 19.34 9.13 28.14
C ARG A 434 18.64 10.40 28.63
N ALA A 435 18.09 10.35 29.83
CA ALA A 435 17.52 11.55 30.42
C ALA A 435 18.61 12.61 30.67
N ALA A 436 19.83 12.16 30.88
CA ALA A 436 20.92 13.11 31.13
C ALA A 436 21.48 13.77 29.86
N LEU A 437 21.03 13.32 28.69
CA LEU A 437 21.66 13.73 27.44
C LEU A 437 20.74 14.42 26.44
N GLY A 438 21.25 15.49 25.86
CA GLY A 438 20.54 16.17 24.80
C GLY A 438 21.34 16.04 23.53
N ILE A 439 20.68 16.03 22.38
CA ILE A 439 21.40 15.99 21.13
C ILE A 439 20.74 16.82 20.03
N VAL A 440 21.56 17.57 19.32
CA VAL A 440 21.14 18.12 18.04
C VAL A 440 21.98 17.40 17.01
N PRO A 441 21.37 16.45 16.31
CA PRO A 441 22.03 15.65 15.28
C PRO A 441 22.11 16.38 13.96
N GLN A 442 22.87 15.83 13.03
CA GLN A 442 23.05 16.45 11.74
C GLN A 442 21.74 16.57 10.95
N ASP A 443 20.98 15.49 10.87
CA ASP A 443 19.70 15.51 10.19
C ASP A 443 18.60 15.26 11.18
N SER A 444 17.88 16.29 11.59
CA SER A 444 16.78 16.05 12.51
C SER A 444 15.57 15.59 11.71
N VAL A 445 14.81 14.68 12.31
CA VAL A 445 13.69 14.07 11.64
C VAL A 445 12.48 14.45 12.44
N LEU A 446 11.38 14.76 11.75
CA LEU A 446 10.14 15.15 12.44
C LEU A 446 9.07 14.04 12.37
N PHE A 447 8.34 13.87 13.45
CA PHE A 447 7.19 12.96 13.40
C PHE A 447 6.12 13.54 12.47
N ASN A 448 5.29 12.65 11.93
CA ASN A 448 4.19 13.11 11.10
C ASN A 448 3.11 13.58 12.03
N ASP A 449 3.26 14.81 12.52
CA ASP A 449 2.38 15.36 13.51
C ASP A 449 2.57 16.89 13.53
N THR A 450 1.97 17.58 14.49
CA THR A 450 2.08 19.04 14.50
C THR A 450 3.48 19.45 14.90
N ILE A 451 3.85 20.69 14.56
CA ILE A 451 5.16 21.21 14.93
C ILE A 451 5.21 21.33 16.46
N GLY A 452 4.07 21.67 17.08
CA GLY A 452 3.97 21.74 18.52
C GLY A 452 4.16 20.37 19.15
N TYR A 453 3.60 19.34 18.53
CA TYR A 453 3.82 18.00 19.04
C TYR A 453 5.33 17.70 18.99
N ASN A 454 5.95 18.04 17.87
CA ASN A 454 7.37 17.77 17.68
C ASN A 454 8.27 18.47 18.70
N ILE A 455 7.93 19.70 19.05
CA ILE A 455 8.67 20.40 20.08
C ILE A 455 8.42 19.79 21.46
N ALA A 456 7.17 19.44 21.75
CA ALA A 456 6.81 18.93 23.08
C ALA A 456 7.39 17.53 23.29
N TYR A 457 7.83 16.90 22.21
CA TYR A 457 8.41 15.57 22.28
C TYR A 457 9.63 15.50 23.21
N GLY A 458 10.24 16.65 23.52
CA GLY A 458 11.40 16.69 24.39
C GLY A 458 11.12 16.16 25.78
N ARG A 459 9.92 16.41 26.29
CA ARG A 459 9.55 15.93 27.60
C ARG A 459 8.11 15.39 27.60
N ASP A 460 7.88 14.33 28.36
CA ASP A 460 6.63 13.58 28.28
C ASP A 460 5.41 14.44 28.64
N GLY A 461 5.49 15.17 29.74
CA GLY A 461 4.35 15.96 30.18
C GLY A 461 4.37 17.42 29.76
N ALA A 462 5.00 17.73 28.63
CA ALA A 462 5.31 19.12 28.27
C ALA A 462 4.09 20.05 28.13
N SER A 463 4.13 21.14 28.88
CA SER A 463 3.05 22.12 28.84
C SER A 463 3.19 23.09 27.66
N ARG A 464 2.12 23.81 27.35
CA ARG A 464 2.10 24.78 26.27
C ARG A 464 3.11 25.89 26.53
N ALA A 465 3.28 26.23 27.80
CA ALA A 465 4.25 27.25 28.21
C ALA A 465 5.69 26.82 27.96
N GLU A 466 6.01 25.59 28.30
CA GLU A 466 7.36 25.05 28.12
C GLU A 466 7.72 25.02 26.64
N VAL A 467 6.74 24.63 25.82
CA VAL A 467 6.90 24.60 24.36
C VAL A 467 7.10 26.00 23.80
N ASP A 468 6.31 26.96 24.28
CA ASP A 468 6.45 28.35 23.81
C ASP A 468 7.84 28.86 24.18
N ALA A 469 8.29 28.57 25.40
CA ALA A 469 9.60 28.99 25.88
C ALA A 469 10.74 28.36 25.07
N ALA A 470 10.61 27.09 24.76
CA ALA A 470 11.63 26.43 23.95
C ALA A 470 11.65 26.99 22.52
N ALA A 471 10.48 27.23 21.94
CA ALA A 471 10.40 27.77 20.60
C ALA A 471 11.03 29.16 20.55
N LYS A 472 10.87 29.89 21.63
CA LYS A 472 11.49 31.21 21.77
C LYS A 472 13.02 31.07 21.84
N GLY A 473 13.49 30.20 22.72
CA GLY A 473 14.92 29.99 22.88
C GLY A 473 15.60 29.44 21.63
N ALA A 474 14.85 28.68 20.85
CA ALA A 474 15.39 28.15 19.61
C ALA A 474 15.17 29.14 18.48
N ALA A 475 14.46 30.22 18.80
CA ALA A 475 14.19 31.30 17.85
C ALA A 475 13.42 30.84 16.62
N ILE A 476 12.45 29.96 16.84
CA ILE A 476 11.55 29.52 15.79
C ILE A 476 10.12 29.97 16.10
N ALA A 477 9.98 30.67 17.23
CA ALA A 477 8.67 31.09 17.74
C ALA A 477 7.96 32.06 16.80
N ASP A 478 8.72 32.98 16.22
CA ASP A 478 8.16 33.91 15.26
C ASP A 478 7.70 33.18 14.00
N PHE A 479 8.53 32.28 13.50
CA PHE A 479 8.21 31.54 12.28
C PHE A 479 6.91 30.76 12.46
N ILE A 480 6.74 30.19 13.65
CA ILE A 480 5.54 29.45 14.01
C ILE A 480 4.33 30.40 14.10
N ALA A 481 4.54 31.59 14.66
CA ALA A 481 3.46 32.57 14.83
C ALA A 481 2.89 32.99 13.48
N ARG A 482 3.74 32.98 12.46
CA ARG A 482 3.33 33.34 11.11
C ARG A 482 2.76 32.15 10.33
N LEU A 483 2.62 31.01 10.99
CA LEU A 483 1.96 29.87 10.35
C LEU A 483 0.47 30.07 10.58
N PRO A 484 -0.34 29.81 9.54
CA PRO A 484 -1.79 30.01 9.63
C PRO A 484 -2.38 29.17 10.77
N GLN A 485 -1.91 27.93 10.88
CA GLN A 485 -2.40 27.03 11.92
C GLN A 485 -1.53 26.99 13.18
N GLY A 486 -0.49 27.80 13.21
CA GLY A 486 0.40 27.91 14.36
C GLY A 486 1.04 26.61 14.82
N TYR A 487 0.94 26.35 16.12
CA TYR A 487 1.50 25.13 16.69
C TYR A 487 0.81 23.86 16.18
N ASP A 488 -0.39 24.03 15.66
CA ASP A 488 -1.20 22.91 15.18
C ASP A 488 -0.93 22.60 13.70
N THR A 489 0.08 23.26 13.15
CA THR A 489 0.53 22.99 11.80
C THR A 489 1.17 21.61 11.66
N GLU A 490 0.64 20.80 10.74
CA GLU A 490 1.21 19.48 10.50
C GLU A 490 2.52 19.61 9.77
N VAL A 491 3.49 18.79 10.16
CA VAL A 491 4.82 18.85 9.55
C VAL A 491 5.36 17.44 9.26
N GLY A 492 6.60 17.40 8.77
CA GLY A 492 7.20 16.16 8.33
C GLY A 492 6.79 15.89 6.89
N GLU A 493 6.95 14.66 6.44
CA GLU A 493 6.41 14.26 5.14
C GLU A 493 4.94 14.12 5.43
N ARG A 494 4.10 14.40 4.43
CA ARG A 494 2.64 14.33 4.56
C ARG A 494 2.19 15.61 5.24
N GLY A 495 3.11 16.56 5.36
CA GLY A 495 2.88 17.81 6.03
C GLY A 495 3.70 18.93 5.42
N LEU A 496 3.66 20.11 6.04
CA LEU A 496 4.44 21.26 5.59
C LEU A 496 5.92 20.93 5.65
N LYS A 497 6.67 21.44 4.67
CA LYS A 497 8.10 21.18 4.62
C LYS A 497 8.86 22.31 5.28
N LEU A 498 9.70 21.94 6.25
CA LEU A 498 10.55 22.91 6.91
C LEU A 498 11.91 22.89 6.22
N SER A 499 12.59 24.03 6.27
CA SER A 499 13.96 24.15 5.76
C SER A 499 14.89 23.42 6.71
N GLY A 500 16.16 23.31 6.34
CA GLY A 500 17.12 22.65 7.20
C GLY A 500 17.27 23.38 8.51
N GLY A 501 17.36 24.71 8.41
CA GLY A 501 17.47 25.54 9.59
C GLY A 501 16.25 25.44 10.47
N GLU A 502 15.06 25.49 9.89
CA GLU A 502 13.83 25.36 10.67
C GLU A 502 13.75 24.01 11.42
N LYS A 503 14.12 22.91 10.76
CA LYS A 503 14.16 21.61 11.42
C LYS A 503 15.16 21.57 12.57
N GLN A 504 16.34 22.15 12.33
CA GLN A 504 17.39 22.17 13.35
C GLN A 504 16.97 23.01 14.56
N ARG A 505 16.24 24.09 14.29
CA ARG A 505 15.70 24.93 15.34
C ARG A 505 14.64 24.15 16.13
N VAL A 506 13.83 23.34 15.43
CA VAL A 506 12.88 22.46 16.14
C VAL A 506 13.60 21.47 17.06
N ALA A 507 14.72 20.91 16.58
CA ALA A 507 15.55 20.02 17.40
C ALA A 507 16.12 20.71 18.65
N ILE A 508 16.58 21.94 18.44
CA ILE A 508 17.09 22.74 19.54
C ILE A 508 15.97 22.95 20.55
N ALA A 509 14.78 23.27 20.05
CA ALA A 509 13.64 23.52 20.92
C ALA A 509 13.30 22.24 21.71
N ARG A 510 13.38 21.09 21.04
CA ARG A 510 13.13 19.81 21.72
C ARG A 510 14.07 19.64 22.91
N THR A 511 15.38 19.81 22.67
CA THR A 511 16.30 19.65 23.79
C THR A 511 16.05 20.71 24.87
N LEU A 512 15.62 21.91 24.48
CA LEU A 512 15.28 22.92 25.47
C LEU A 512 14.12 22.45 26.36
N VAL A 513 13.10 21.83 25.76
CA VAL A 513 12.00 21.26 26.55
C VAL A 513 12.51 20.17 27.50
N LYS A 514 13.39 19.32 26.98
CA LYS A 514 14.03 18.29 27.81
C LYS A 514 14.87 18.88 28.93
N ASN A 515 15.60 19.94 28.63
CA ASN A 515 16.52 20.57 29.57
C ASN A 515 17.55 19.61 30.19
N PRO A 516 18.35 18.92 29.35
CA PRO A 516 19.37 18.01 29.88
C PRO A 516 20.58 18.77 30.43
N PRO A 517 21.27 18.18 31.42
CA PRO A 517 22.51 18.69 32.01
C PRO A 517 23.71 18.65 31.01
N ILE A 518 23.70 17.69 30.10
CA ILE A 518 24.74 17.49 29.08
C ILE A 518 24.15 17.57 27.67
N LEU A 519 24.78 18.37 26.80
CA LEU A 519 24.24 18.59 25.46
C LEU A 519 25.25 18.21 24.38
N LEU A 520 24.79 17.51 23.35
CA LEU A 520 25.67 17.13 22.25
C LEU A 520 25.22 17.79 20.96
N PHE A 521 26.16 18.48 20.31
CA PHE A 521 25.93 18.92 18.94
C PHE A 521 26.74 17.97 18.09
N ASP A 522 26.03 17.15 17.35
CA ASP A 522 26.63 16.09 16.56
C ASP A 522 26.53 16.45 15.08
N GLU A 523 27.53 17.16 14.57
CA GLU A 523 27.51 17.73 13.22
C GLU A 523 26.20 18.53 13.01
N ALA A 524 25.81 19.27 14.03
CA ALA A 524 24.54 19.96 14.01
C ALA A 524 24.40 20.93 12.84
N THR A 525 25.50 21.53 12.40
CA THR A 525 25.36 22.54 11.35
C THR A 525 25.87 22.12 9.98
N SER A 526 26.31 20.87 9.87
CA SER A 526 26.99 20.34 8.69
C SER A 526 26.12 20.21 7.44
N ALA A 527 24.80 20.11 7.62
CA ALA A 527 23.90 20.00 6.49
C ALA A 527 23.36 21.36 6.05
N LEU A 528 23.68 22.39 6.82
CA LEU A 528 23.17 23.74 6.60
C LEU A 528 23.99 24.53 5.59
N ASP A 529 23.37 25.53 4.98
CA ASP A 529 24.10 26.49 4.15
C ASP A 529 24.90 27.40 5.07
N THR A 530 25.80 28.17 4.49
CA THR A 530 26.74 28.98 5.26
C THR A 530 26.05 30.01 6.17
N ARG A 531 25.15 30.80 5.62
CA ARG A 531 24.47 31.82 6.42
C ARG A 531 23.53 31.23 7.48
N THR A 532 22.82 30.16 7.12
CA THR A 532 21.99 29.44 8.08
C THR A 532 22.87 28.94 9.22
N GLU A 533 24.05 28.44 8.87
CA GLU A 533 24.99 27.92 9.85
C GLU A 533 25.39 29.01 10.83
N GLN A 534 25.73 30.17 10.28
CA GLN A 534 26.17 31.31 11.08
C GLN A 534 25.06 31.83 11.97
N ASP A 535 23.84 31.80 11.46
CA ASP A 535 22.67 32.22 12.23
C ASP A 535 22.47 31.29 13.41
N ILE A 536 22.33 30.01 13.09
CA ILE A 536 21.98 29.03 14.10
C ILE A 536 23.08 28.83 15.13
N LEU A 537 24.32 29.20 14.79
CA LEU A 537 25.41 29.01 15.74
C LEU A 537 25.26 29.86 17.01
N SER A 538 24.76 31.09 16.85
CA SER A 538 24.53 31.99 18.00
C SER A 538 23.41 31.46 18.91
N THR A 539 22.37 30.91 18.29
CA THR A 539 21.33 30.21 19.02
C THR A 539 21.95 29.05 19.78
N ARG A 541 24.90 28.57 20.80
CA ARG A 541 25.73 29.07 21.88
C ARG A 541 24.89 29.52 23.06
N ALA A 542 23.76 30.15 22.78
CA ALA A 542 22.87 30.55 23.88
C ALA A 542 22.35 29.32 24.66
N VAL A 543 21.91 28.28 23.96
CA VAL A 543 21.32 27.13 24.64
C VAL A 543 22.36 26.22 25.34
N ALA A 544 23.63 26.44 25.02
CA ALA A 544 24.73 25.66 25.57
C ALA A 544 25.27 26.32 26.83
N SER A 545 24.47 27.23 27.38
CA SER A 545 24.96 28.22 28.33
C SER A 545 25.62 27.66 29.58
N HIS A 546 24.86 26.90 30.36
CA HIS A 546 25.38 26.41 31.63
C HIS A 546 25.36 24.90 31.64
N ARG A 547 25.44 24.31 30.44
CA ARG A 547 25.46 22.86 30.30
C ARG A 547 26.86 22.39 29.97
N THR A 548 27.06 21.10 30.13
CA THR A 548 28.22 20.47 29.56
C THR A 548 27.89 20.25 28.10
N THR A 549 28.68 20.86 27.23
CA THR A 549 28.39 20.81 25.80
C THR A 549 29.56 20.15 25.08
N ILE A 550 29.26 19.18 24.24
CA ILE A 550 30.27 18.53 23.43
C ILE A 550 29.84 18.71 21.98
N SER A 551 30.70 19.33 21.19
CA SER A 551 30.34 19.60 19.81
C SER A 551 31.26 18.79 18.89
N ILE A 552 30.67 17.95 18.05
CA ILE A 552 31.44 17.19 17.08
C ILE A 552 31.24 17.83 15.71
N ALA A 553 32.29 18.45 15.16
CA ALA A 553 32.16 19.26 13.94
C ALA A 553 33.24 18.96 12.88
N HIS A 554 32.83 18.97 11.62
CA HIS A 554 33.74 18.87 10.48
C HIS A 554 34.53 20.16 10.25
N ARG A 555 33.87 21.31 10.38
CA ARG A 555 34.49 22.58 10.04
C ARG A 555 34.96 23.29 11.31
N LEU A 556 36.28 23.43 11.47
CA LEU A 556 36.85 23.90 12.73
C LEU A 556 36.45 25.32 13.12
N SER A 557 36.22 26.17 12.13
CA SER A 557 35.90 27.56 12.42
C SER A 557 34.61 27.66 13.26
N THR A 558 33.71 26.69 13.10
CA THR A 558 32.46 26.69 13.87
C THR A 558 32.65 26.35 15.35
N ILE A 559 33.80 25.77 15.70
CA ILE A 559 34.03 25.37 17.08
C ILE A 559 35.22 26.04 17.72
N ALA A 560 35.79 27.02 17.03
CA ALA A 560 37.05 27.65 17.43
C ALA A 560 36.97 28.30 18.80
N ASP A 561 35.75 28.67 19.21
CA ASP A 561 35.54 29.37 20.48
C ASP A 561 35.32 28.43 21.68
N SER A 562 35.60 27.14 21.51
CA SER A 562 35.41 26.15 22.56
C SER A 562 36.35 26.41 23.73
N ASP A 563 35.98 25.95 24.92
CA ASP A 563 36.85 26.00 26.09
C ASP A 563 38.10 25.17 25.84
N THR A 564 37.90 24.00 25.23
CA THR A 564 38.98 23.13 24.84
C THR A 564 38.57 22.25 23.65
N ILE A 565 39.56 21.82 22.89
CA ILE A 565 39.30 21.04 21.70
C ILE A 565 40.06 19.75 21.77
N LEU A 566 39.33 18.65 21.56
CA LEU A 566 39.90 17.31 21.50
C LEU A 566 40.04 16.93 20.03
N VAL A 567 41.27 16.62 19.65
CA VAL A 567 41.56 16.23 18.28
C VAL A 567 41.84 14.74 18.26
N LEU A 568 41.06 14.02 17.47
CA LEU A 568 41.24 12.58 17.37
C LEU A 568 41.97 12.28 16.08
N ASP A 569 42.89 11.34 16.14
CA ASP A 569 43.50 10.78 14.96
C ASP A 569 43.57 9.28 15.15
N GLN A 570 43.12 8.55 14.14
CA GLN A 570 43.17 7.09 14.16
C GLN A 570 42.59 6.47 15.44
N GLY A 571 41.44 6.95 15.86
CA GLY A 571 40.78 6.32 16.98
C GLY A 571 41.44 6.57 18.32
N ARG A 572 42.31 7.58 18.37
CA ARG A 572 42.90 8.00 19.64
C ARG A 572 42.96 9.53 19.78
N LEU A 573 43.19 9.99 21.01
CA LEU A 573 43.35 11.41 21.25
C LEU A 573 44.79 11.85 20.89
N ALA A 574 44.92 12.54 19.77
CA ALA A 574 46.22 13.03 19.29
C ALA A 574 46.59 14.36 19.93
N GLU A 575 45.63 15.28 19.93
CA GLU A 575 45.87 16.63 20.41
C GLU A 575 44.74 17.14 21.32
N GLN A 576 45.10 18.02 22.25
CA GLN A 576 44.13 18.64 23.14
C GLN A 576 44.51 20.08 23.49
N GLY A 577 43.54 20.98 23.48
CA GLY A 577 43.81 22.33 23.94
C GLY A 577 42.94 23.39 23.32
N SER A 578 43.22 24.67 23.65
CA SER A 578 42.46 25.77 23.11
C SER A 578 42.80 25.93 21.64
N HIS A 579 41.99 26.69 20.91
CA HIS A 579 42.22 26.90 19.48
C HIS A 579 43.57 27.56 19.23
N LEU A 580 43.91 28.54 20.06
CA LEU A 580 45.19 29.24 19.90
C LEU A 580 46.38 28.33 20.23
N ASP A 581 46.26 27.55 21.32
CA ASP A 581 47.31 26.59 21.71
C ASP A 581 47.55 25.55 20.61
N LEU A 582 46.46 25.11 20.01
CA LEU A 582 46.56 24.14 18.92
C LEU A 582 47.16 24.75 17.66
N LEU A 583 46.85 26.01 17.38
CA LEU A 583 47.47 26.71 16.25
C LEU A 583 48.97 26.91 16.46
N ARG A 584 49.35 27.16 17.72
CA ARG A 584 50.75 27.35 18.09
C ARG A 584 51.57 26.07 18.00
N ARG A 585 50.99 24.95 18.45
CA ARG A 585 51.71 23.67 18.44
C ARG A 585 52.08 23.22 17.02
N ASP A 586 51.39 23.79 16.04
CA ASP A 586 51.66 23.54 14.62
C ASP A 586 51.59 22.06 14.27
N GLY A 587 50.63 21.36 14.86
CA GLY A 587 50.41 19.94 14.63
C GLY A 587 49.21 19.64 13.76
N LEU A 588 48.48 18.58 14.11
CA LEU A 588 47.38 18.10 13.29
C LEU A 588 46.24 19.12 13.16
N TYR A 589 45.86 19.75 14.26
CA TYR A 589 44.79 20.74 14.22
C TYR A 589 45.17 21.94 13.33
N ALA A 590 46.42 22.39 13.43
CA ALA A 590 46.89 23.55 12.66
C ALA A 590 46.80 23.27 11.17
N GLU A 591 47.24 22.08 10.79
CA GLU A 591 47.25 21.65 9.40
C GLU A 591 45.83 21.72 8.86
N TRP A 593 43.36 23.25 10.11
CA TRP A 593 42.84 24.62 10.10
C TRP A 593 43.28 25.30 8.80
N ALA A 594 44.58 25.22 8.52
CA ALA A 594 45.12 25.89 7.35
C ALA A 594 44.37 25.38 6.13
N ARG A 595 44.23 24.05 6.06
CA ARG A 595 43.63 23.47 4.87
C ARG A 595 42.23 24.01 4.69
N GLN A 596 41.45 24.01 5.77
CA GLN A 596 40.06 24.40 5.65
C GLN A 596 40.03 25.85 5.20
N ALA A 597 40.91 26.68 5.76
CA ALA A 597 40.88 28.10 5.44
C ALA A 597 41.10 28.23 3.95
N ALA A 598 42.10 27.50 3.44
CA ALA A 598 42.47 27.59 2.05
C ALA A 598 41.24 27.30 1.21
N GLU A 599 40.51 26.24 1.54
CA GLU A 599 39.39 25.89 0.67
C GLU A 599 38.39 27.02 0.62
N SER A 600 38.04 27.57 1.78
CA SER A 600 37.00 28.59 1.78
C SER A 600 37.45 29.77 0.91
N ALA A 601 38.75 30.09 0.96
CA ALA A 601 39.27 31.19 0.17
C ALA A 601 39.01 30.92 -1.31
N GLU A 602 39.36 29.72 -1.76
CA GLU A 602 39.18 29.38 -3.17
C GLU A 602 37.71 29.50 -3.51
N VAL A 603 36.87 29.00 -2.61
CA VAL A 603 35.44 29.02 -2.86
C VAL A 603 34.99 30.48 -2.97
N SER A 604 35.54 31.32 -2.10
CA SER A 604 35.18 32.72 -2.08
C SER A 604 35.71 33.41 -3.32
N GLU A 605 36.79 32.86 -3.88
CA GLU A 605 37.37 33.40 -5.10
C GLU A 605 36.48 33.20 -6.33
N ALA A 606 35.72 32.12 -6.34
CA ALA A 606 34.88 31.78 -7.47
C ALA A 606 33.52 32.45 -7.38
N ALA A 607 33.51 33.77 -7.56
CA ALA A 607 32.27 34.54 -7.66
C ALA A 607 32.11 35.07 -9.08
N PRO B 9 -27.11 8.22 -25.40
CA PRO B 9 -25.76 7.70 -25.12
C PRO B 9 -25.31 8.04 -23.69
N LYS B 10 -24.41 9.02 -23.59
CA LYS B 10 -23.94 9.60 -22.34
C LYS B 10 -25.09 10.39 -21.70
N ASP B 11 -26.07 10.71 -22.53
CA ASP B 11 -27.27 11.44 -22.13
C ASP B 11 -28.24 10.49 -21.43
N ALA B 12 -27.91 10.13 -20.20
CA ALA B 12 -28.69 9.15 -19.43
C ALA B 12 -28.54 9.39 -17.93
N ARG B 13 -29.29 8.62 -17.15
CA ARG B 13 -29.40 8.82 -15.69
C ARG B 13 -28.10 8.71 -14.88
N HIS B 14 -27.02 8.24 -15.50
CA HIS B 14 -25.75 8.00 -14.82
C HIS B 14 -25.93 7.16 -13.56
N ASP B 15 -26.56 6.02 -13.74
CA ASP B 15 -26.70 5.04 -12.69
C ASP B 15 -25.80 3.88 -13.09
N GLY B 16 -25.90 2.78 -12.37
CA GLY B 16 -25.10 1.62 -12.71
C GLY B 16 -25.42 1.21 -14.14
N TRP B 17 -26.67 1.41 -14.56
CA TRP B 17 -27.10 0.96 -15.88
C TRP B 17 -26.29 1.67 -16.97
N GLN B 18 -26.02 2.95 -16.79
CA GLN B 18 -25.25 3.63 -17.81
C GLN B 18 -23.81 3.13 -17.90
N THR B 19 -23.19 2.97 -16.73
CA THR B 19 -21.82 2.49 -16.64
C THR B 19 -21.71 1.10 -17.27
N LEU B 20 -22.68 0.24 -16.97
CA LEU B 20 -22.73 -1.12 -17.49
C LEU B 20 -22.96 -1.18 -19.00
N LYS B 21 -23.90 -0.37 -19.48
CA LYS B 21 -24.19 -0.34 -20.91
C LYS B 21 -22.99 0.19 -21.66
N ARG B 22 -22.29 1.10 -21.00
CA ARG B 22 -21.03 1.63 -21.51
C ARG B 22 -19.97 0.54 -21.58
N PHE B 23 -19.94 -0.32 -20.56
CA PHE B 23 -18.92 -1.37 -20.50
C PHE B 23 -19.18 -2.50 -21.47
N LEU B 24 -20.42 -2.59 -21.93
CA LEU B 24 -20.87 -3.71 -22.74
C LEU B 24 -20.07 -3.97 -24.05
N PRO B 25 -19.66 -2.90 -24.76
CA PRO B 25 -18.83 -3.11 -25.96
C PRO B 25 -17.48 -3.81 -25.68
N TYR B 26 -16.96 -3.63 -24.47
CA TYR B 26 -15.72 -4.28 -24.06
C TYR B 26 -15.88 -5.80 -23.94
N LEU B 27 -17.02 -6.24 -23.42
CA LEU B 27 -17.33 -7.66 -23.30
C LEU B 27 -17.72 -8.31 -24.62
N TRP B 28 -18.29 -7.52 -25.53
CA TRP B 28 -18.73 -8.01 -26.82
C TRP B 28 -18.03 -7.16 -27.88
N PRO B 29 -16.72 -7.37 -28.03
CA PRO B 29 -15.80 -6.41 -28.65
C PRO B 29 -16.13 -5.94 -30.07
N ALA B 30 -16.51 -6.88 -30.94
CA ALA B 30 -16.70 -6.62 -32.39
C ALA B 30 -15.36 -6.30 -33.08
N ASP B 31 -14.27 -6.49 -32.33
CA ASP B 31 -12.92 -6.42 -32.85
C ASP B 31 -12.47 -7.87 -32.94
N ASN B 32 -12.84 -8.62 -31.91
CA ASN B 32 -12.37 -9.96 -31.69
C ASN B 32 -13.53 -10.93 -31.89
N ALA B 33 -13.35 -11.94 -32.74
CA ALA B 33 -14.40 -12.93 -32.97
C ALA B 33 -14.35 -14.04 -31.90
N VAL B 34 -13.12 -14.48 -31.62
CA VAL B 34 -12.87 -15.55 -30.67
C VAL B 34 -13.49 -15.23 -29.33
N LEU B 35 -13.32 -13.98 -28.88
CA LEU B 35 -13.88 -13.57 -27.60
C LEU B 35 -15.40 -13.59 -27.60
N ARG B 36 -16.00 -13.24 -28.74
CA ARG B 36 -17.45 -13.29 -28.87
C ARG B 36 -17.93 -14.74 -28.76
N ARG B 37 -17.19 -15.64 -29.39
CA ARG B 37 -17.50 -17.07 -29.33
C ARG B 37 -17.44 -17.51 -27.88
N ARG B 38 -16.42 -17.02 -27.17
CA ARG B 38 -16.23 -17.36 -25.77
C ARG B 38 -17.43 -16.90 -24.95
N VAL B 39 -17.95 -15.72 -25.28
CA VAL B 39 -19.10 -15.18 -24.58
C VAL B 39 -20.31 -16.08 -24.81
N VAL B 40 -20.52 -16.49 -26.06
CA VAL B 40 -21.66 -17.36 -26.36
C VAL B 40 -21.55 -18.70 -25.62
N GLY B 41 -20.35 -19.28 -25.64
CA GLY B 41 -20.10 -20.53 -24.96
C GLY B 41 -20.35 -20.42 -23.47
N ALA B 42 -19.95 -19.29 -22.88
CA ALA B 42 -20.20 -19.07 -21.47
C ALA B 42 -21.68 -18.97 -21.17
N ILE B 43 -22.43 -18.31 -22.05
CA ILE B 43 -23.88 -18.20 -21.87
C ILE B 43 -24.55 -19.57 -21.95
N LEU B 44 -24.11 -20.40 -22.90
CA LEU B 44 -24.60 -21.76 -23.03
C LEU B 44 -24.30 -22.55 -21.75
N VAL B 46 -24.06 -21.27 -18.81
CA VAL B 46 -25.00 -20.78 -17.81
C VAL B 46 -26.34 -21.52 -17.94
N LEU B 47 -26.84 -21.61 -19.17
CA LEU B 47 -28.13 -22.23 -19.40
C LEU B 47 -28.16 -23.75 -19.11
N LEU B 48 -27.14 -24.47 -19.58
CA LEU B 48 -27.03 -25.90 -19.28
C LEU B 48 -26.94 -26.09 -17.79
N GLY B 49 -26.17 -25.25 -17.12
CA GLY B 49 -25.97 -25.40 -15.70
C GLY B 49 -27.26 -25.21 -14.94
N LYS B 50 -28.05 -24.21 -15.35
CA LYS B 50 -29.32 -23.95 -14.69
C LYS B 50 -30.33 -25.04 -14.97
N ALA B 51 -30.38 -25.50 -16.22
CA ALA B 51 -31.28 -26.59 -16.58
C ALA B 51 -30.96 -27.82 -15.74
N THR B 52 -29.67 -28.06 -15.55
CA THR B 52 -29.20 -29.18 -14.74
C THR B 52 -29.60 -29.07 -13.27
N THR B 53 -29.36 -27.91 -12.67
CA THR B 53 -29.72 -27.72 -11.25
C THR B 53 -31.22 -27.67 -10.98
N LEU B 54 -31.99 -27.24 -11.98
CA LEU B 54 -33.45 -27.26 -11.90
C LEU B 54 -34.00 -28.69 -12.09
N ALA B 55 -33.36 -29.47 -12.97
CA ALA B 55 -33.78 -30.84 -13.22
C ALA B 55 -33.44 -31.78 -12.07
N LEU B 56 -32.28 -31.61 -11.45
CA LEU B 56 -31.86 -32.59 -10.44
C LEU B 56 -32.79 -32.77 -9.20
N PRO B 57 -33.48 -31.71 -8.74
CA PRO B 57 -34.38 -31.95 -7.61
C PRO B 57 -35.59 -32.81 -8.00
N PHE B 58 -35.96 -32.79 -9.27
CA PHE B 58 -37.03 -33.63 -9.75
C PHE B 58 -36.64 -35.12 -9.61
N ALA B 59 -35.38 -35.41 -9.90
CA ALA B 59 -34.86 -36.78 -9.79
C ALA B 59 -34.88 -37.25 -8.34
N TYR B 60 -34.58 -36.33 -7.42
CA TYR B 60 -34.62 -36.66 -6.01
C TYR B 60 -36.07 -36.94 -5.59
N LYS B 61 -36.99 -36.10 -6.06
CA LYS B 61 -38.42 -36.27 -5.75
C LYS B 61 -38.96 -37.65 -6.19
N LYS B 62 -38.61 -38.05 -7.42
CA LYS B 62 -39.06 -39.30 -7.99
C LYS B 62 -38.56 -40.52 -7.22
N ALA B 63 -37.32 -40.45 -6.76
CA ALA B 63 -36.71 -41.55 -6.00
C ALA B 63 -37.48 -41.79 -4.71
N VAL B 64 -37.90 -40.69 -4.08
CA VAL B 64 -38.73 -40.73 -2.89
C VAL B 64 -40.13 -41.21 -3.27
N ASP B 65 -40.60 -40.77 -4.43
CA ASP B 65 -41.92 -41.15 -4.91
C ASP B 65 -41.97 -42.64 -5.15
N ALA B 66 -40.92 -43.18 -5.77
CA ALA B 66 -40.85 -44.60 -6.07
C ALA B 66 -40.83 -45.46 -4.81
N THR B 68 -42.27 -44.74 -2.08
CA THR B 68 -43.53 -44.54 -1.35
C THR B 68 -44.74 -44.96 -2.18
N LEU B 69 -44.50 -45.23 -3.46
CA LEU B 69 -45.56 -45.69 -4.36
C LEU B 69 -45.20 -47.05 -5.00
N GLY B 70 -45.18 -48.11 -4.20
CA GLY B 70 -45.29 -48.04 -2.75
C GLY B 70 -46.02 -49.11 -1.95
N GLY B 71 -46.34 -50.25 -2.56
CA GLY B 71 -46.81 -51.39 -1.78
C GLY B 71 -45.63 -52.05 -1.10
N GLY B 72 -44.59 -52.30 -1.89
CA GLY B 72 -43.35 -52.90 -1.40
C GLY B 72 -42.07 -52.25 -1.92
N ALA B 73 -41.00 -53.04 -1.90
CA ALA B 73 -39.68 -52.70 -2.45
C ALA B 73 -39.51 -53.68 -3.61
N GLN B 74 -40.11 -53.35 -4.75
CA GLN B 74 -40.44 -54.34 -5.78
C GLN B 74 -39.78 -54.03 -7.16
N PRO B 75 -40.52 -53.56 -8.21
CA PRO B 75 -39.55 -53.09 -9.21
C PRO B 75 -38.97 -51.72 -8.85
N ALA B 76 -39.44 -51.17 -7.73
CA ALA B 76 -39.15 -49.80 -7.36
C ALA B 76 -37.71 -49.57 -6.92
N LEU B 77 -37.03 -50.62 -6.46
CA LEU B 77 -35.62 -50.54 -6.10
C LEU B 77 -34.82 -50.05 -7.30
N THR B 78 -35.10 -50.61 -8.46
CA THR B 78 -34.38 -50.25 -9.66
C THR B 78 -34.62 -48.78 -10.00
N VAL B 79 -35.86 -48.35 -9.89
CA VAL B 79 -36.27 -46.97 -10.15
C VAL B 79 -35.61 -45.97 -9.18
N ALA B 80 -35.66 -46.29 -7.89
CA ALA B 80 -35.09 -45.44 -6.85
C ALA B 80 -33.57 -45.32 -7.03
N LEU B 81 -32.93 -46.44 -7.36
CA LEU B 81 -31.49 -46.47 -7.62
C LEU B 81 -31.14 -45.55 -8.79
N ALA B 82 -31.88 -45.72 -9.89
CA ALA B 82 -31.64 -44.95 -11.09
C ALA B 82 -31.76 -43.46 -10.77
N PHE B 83 -32.79 -43.11 -10.02
CA PHE B 83 -33.06 -41.70 -9.71
C PHE B 83 -32.08 -41.04 -8.72
N VAL B 84 -31.64 -41.76 -7.68
CA VAL B 84 -30.60 -41.16 -6.82
C VAL B 84 -29.32 -40.96 -7.64
N LEU B 85 -28.99 -41.93 -8.48
CA LEU B 85 -27.80 -41.80 -9.31
C LEU B 85 -27.93 -40.59 -10.23
N ALA B 86 -29.12 -40.40 -10.78
CA ALA B 86 -29.36 -39.26 -11.65
C ALA B 86 -29.18 -37.95 -10.86
N TYR B 87 -29.62 -37.96 -9.61
CA TYR B 87 -29.49 -36.80 -8.75
C TYR B 87 -28.03 -36.43 -8.48
N ALA B 88 -27.24 -37.41 -8.06
CA ALA B 88 -25.83 -37.15 -7.77
C ALA B 88 -25.06 -36.70 -9.01
N LEU B 89 -25.28 -37.39 -10.12
CA LEU B 89 -24.64 -37.02 -11.38
C LEU B 89 -25.06 -35.61 -11.80
N GLY B 90 -26.31 -35.27 -11.47
CA GLY B 90 -26.84 -33.95 -11.75
C GLY B 90 -26.11 -32.88 -10.98
N ARG B 91 -25.83 -33.16 -9.71
CA ARG B 91 -25.08 -32.24 -8.87
C ARG B 91 -23.69 -31.98 -9.45
N PHE B 92 -23.00 -33.07 -9.75
CA PHE B 92 -21.67 -32.94 -10.28
C PHE B 92 -21.68 -32.18 -11.61
N SER B 93 -22.68 -32.48 -12.45
CA SER B 93 -22.77 -31.83 -13.75
C SER B 93 -23.05 -30.33 -13.64
N GLY B 94 -23.82 -29.94 -12.62
CA GLY B 94 -24.10 -28.53 -12.42
C GLY B 94 -22.82 -27.79 -12.08
N VAL B 95 -22.06 -28.35 -11.15
CA VAL B 95 -20.80 -27.73 -10.77
C VAL B 95 -19.85 -27.67 -11.98
N LEU B 96 -19.83 -28.74 -12.76
CA LEU B 96 -18.95 -28.80 -13.94
C LEU B 96 -19.29 -27.69 -14.91
N PHE B 97 -20.59 -27.48 -15.12
CA PHE B 97 -21.05 -26.44 -16.04
C PHE B 97 -20.68 -25.04 -15.56
N ASP B 98 -20.83 -24.81 -14.25
CA ASP B 98 -20.49 -23.51 -13.68
C ASP B 98 -19.00 -23.19 -13.82
N ASN B 99 -18.18 -24.17 -13.45
CA ASN B 99 -16.76 -23.96 -13.55
C ASN B 99 -16.29 -23.85 -15.01
N LEU B 100 -16.95 -24.56 -15.91
CA LEU B 100 -16.63 -24.40 -17.32
C LEU B 100 -17.03 -23.03 -17.86
N ARG B 101 -18.15 -22.43 -17.40
CA ARG B 101 -18.46 -21.10 -17.88
C ARG B 101 -17.43 -20.10 -17.37
N ASN B 102 -17.01 -20.25 -16.10
CA ASN B 102 -16.01 -19.33 -15.59
C ASN B 102 -14.74 -19.42 -16.42
N ILE B 103 -14.33 -20.66 -16.67
CA ILE B 103 -13.12 -20.94 -17.42
C ILE B 103 -13.17 -20.40 -18.86
N VAL B 104 -14.31 -20.55 -19.53
CA VAL B 104 -14.49 -20.01 -20.87
C VAL B 104 -14.48 -18.47 -20.88
N PHE B 105 -15.15 -17.87 -19.90
CA PHE B 105 -15.30 -16.43 -19.87
C PHE B 105 -14.08 -15.61 -19.41
N GLU B 106 -13.21 -16.25 -18.62
CA GLU B 106 -12.16 -15.52 -17.91
C GLU B 106 -11.29 -14.64 -18.83
N ARG B 107 -10.96 -15.17 -20.00
CA ARG B 107 -10.18 -14.44 -20.98
C ARG B 107 -10.92 -13.19 -21.47
N VAL B 108 -12.22 -13.32 -21.67
CA VAL B 108 -13.03 -12.18 -22.09
C VAL B 108 -12.99 -11.11 -21.01
N GLY B 109 -13.12 -11.54 -19.76
CA GLY B 109 -13.11 -10.60 -18.67
C GLY B 109 -11.78 -9.85 -18.61
N GLN B 110 -10.70 -10.63 -18.67
CA GLN B 110 -9.36 -10.07 -18.59
C GLN B 110 -9.06 -9.09 -19.73
N ASP B 111 -9.48 -9.44 -20.95
CA ASP B 111 -9.25 -8.53 -22.08
C ASP B 111 -10.07 -7.26 -21.94
N ALA B 112 -11.31 -7.40 -21.48
CA ALA B 112 -12.17 -6.23 -21.33
C ALA B 112 -11.62 -5.25 -20.33
N THR B 113 -11.23 -5.72 -19.14
CA THR B 113 -10.69 -4.78 -18.15
C THR B 113 -9.30 -4.23 -18.55
N ARG B 114 -8.54 -5.03 -19.30
CA ARG B 114 -7.28 -4.51 -19.81
C ARG B 114 -7.51 -3.36 -20.78
N HIS B 115 -8.42 -3.55 -21.72
CA HIS B 115 -8.72 -2.52 -22.70
C HIS B 115 -9.30 -1.27 -22.07
N LEU B 116 -10.13 -1.45 -21.05
CA LEU B 116 -10.58 -0.28 -20.29
C LEU B 116 -9.38 0.46 -19.68
N ALA B 117 -8.50 -0.27 -19.00
CA ALA B 117 -7.35 0.39 -18.38
C ALA B 117 -6.46 1.11 -19.39
N GLU B 118 -6.23 0.48 -20.54
CA GLU B 118 -5.41 1.04 -21.62
C GLU B 118 -6.04 2.34 -22.15
N ASN B 119 -7.35 2.34 -22.32
CA ASN B 119 -8.08 3.54 -22.75
C ASN B 119 -7.93 4.69 -21.76
N VAL B 120 -8.05 4.35 -20.47
CA VAL B 120 -7.85 5.37 -19.45
C VAL B 120 -6.41 5.89 -19.44
N PHE B 121 -5.46 4.99 -19.64
CA PHE B 121 -4.05 5.34 -19.64
C PHE B 121 -3.74 6.34 -20.78
N ALA B 122 -4.24 6.00 -21.98
CA ALA B 122 -4.10 6.85 -23.16
C ALA B 122 -4.74 8.23 -22.97
N ARG B 123 -5.98 8.24 -22.47
CA ARG B 123 -6.65 9.52 -22.27
C ARG B 123 -5.89 10.37 -21.22
N LEU B 124 -5.38 9.74 -20.17
CA LEU B 124 -4.62 10.46 -19.15
C LEU B 124 -3.40 11.13 -19.75
N HIS B 125 -2.74 10.45 -20.68
CA HIS B 125 -1.61 11.10 -21.34
C HIS B 125 -2.07 12.26 -22.24
N LYS B 126 -3.27 12.17 -22.81
CA LYS B 126 -3.79 13.31 -23.58
C LYS B 126 -4.22 14.51 -22.74
N LEU B 127 -4.52 14.29 -21.47
CA LEU B 127 -5.09 15.33 -20.60
C LEU B 127 -4.09 16.39 -20.13
N SER B 128 -4.59 17.44 -19.49
CA SER B 128 -3.74 18.57 -19.16
C SER B 128 -2.78 18.33 -17.98
N LEU B 129 -1.65 19.03 -17.99
CA LEU B 129 -0.66 18.96 -16.92
C LEU B 129 -1.24 19.43 -15.60
N ARG B 130 -2.18 20.37 -15.69
CA ARG B 130 -2.72 21.07 -14.51
C ARG B 130 -3.45 20.16 -13.55
N PHE B 131 -3.74 18.94 -13.98
CA PHE B 131 -4.27 17.92 -13.07
C PHE B 131 -3.23 17.63 -11.98
N HIS B 132 -2.04 18.16 -12.20
CA HIS B 132 -0.95 18.22 -11.24
C HIS B 132 -0.60 16.85 -10.73
N LEU B 133 -0.20 15.98 -11.65
CA LEU B 133 0.11 14.61 -11.29
C LEU B 133 1.41 14.57 -10.48
N ALA B 134 1.35 15.07 -9.25
CA ALA B 134 2.46 14.95 -8.31
C ALA B 134 1.93 14.37 -7.00
N ARG B 135 2.25 13.11 -6.75
CA ARG B 135 1.69 12.37 -5.64
C ARG B 135 2.64 11.26 -5.20
N ARG B 136 2.19 10.45 -4.25
CA ARG B 136 3.01 9.36 -3.71
C ARG B 136 2.82 8.10 -4.56
N THR B 137 3.92 7.39 -4.84
CA THR B 137 3.88 6.19 -5.66
C THR B 137 3.01 5.12 -4.99
N GLY B 138 3.24 4.92 -3.69
CA GLY B 138 2.56 3.90 -2.92
C GLY B 138 1.06 4.15 -2.82
N GLU B 139 0.66 5.41 -2.64
CA GLU B 139 -0.74 5.77 -2.52
C GLU B 139 -1.54 5.57 -3.81
N VAL B 140 -1.03 6.09 -4.92
CA VAL B 140 -1.71 5.90 -6.20
C VAL B 140 -1.75 4.42 -6.50
N THR B 141 -0.67 3.71 -6.17
CA THR B 141 -0.62 2.28 -6.40
C THR B 141 -1.70 1.55 -5.60
N LYS B 142 -1.88 1.96 -4.35
CA LYS B 142 -2.85 1.37 -3.45
C LYS B 142 -4.26 1.62 -4.00
N VAL B 143 -4.49 2.84 -4.47
CA VAL B 143 -5.79 3.22 -5.06
C VAL B 143 -6.09 2.36 -6.29
N ILE B 144 -5.09 2.25 -7.18
CA ILE B 144 -5.26 1.48 -8.40
C ILE B 144 -5.46 -0.03 -8.14
N GLU B 145 -4.74 -0.56 -7.15
CA GLU B 145 -4.88 -1.94 -6.78
C GLU B 145 -6.28 -2.22 -6.26
N ARG B 146 -6.71 -1.37 -5.33
CA ARG B 146 -8.01 -1.53 -4.71
C ARG B 146 -9.08 -1.45 -5.79
N GLY B 147 -8.95 -0.48 -6.69
CA GLY B 147 -9.92 -0.30 -7.76
C GLY B 147 -10.00 -1.41 -8.78
N THR B 148 -8.85 -1.95 -9.20
CA THR B 148 -8.88 -3.06 -10.18
C THR B 148 -9.53 -4.27 -9.55
N LYS B 149 -9.17 -4.50 -8.28
CA LYS B 149 -9.73 -5.60 -7.52
C LYS B 149 -11.25 -5.42 -7.47
N SER B 150 -11.66 -4.18 -7.29
CA SER B 150 -13.06 -3.79 -7.18
C SER B 150 -13.84 -4.09 -8.45
N ILE B 151 -13.31 -3.63 -9.57
CA ILE B 151 -13.98 -3.82 -10.84
C ILE B 151 -14.06 -5.31 -11.21
N ASP B 152 -13.00 -6.06 -10.94
CA ASP B 152 -12.99 -7.49 -11.19
C ASP B 152 -14.07 -8.25 -10.37
N THR B 153 -14.06 -8.03 -9.06
CA THR B 153 -14.99 -8.70 -8.17
C THR B 153 -16.41 -8.34 -8.58
N LEU B 155 -17.46 -7.42 -11.54
CA LEU B 155 -17.77 -8.06 -12.81
C LEU B 155 -18.17 -9.54 -12.62
N TYR B 156 -17.41 -10.23 -11.78
CA TYR B 156 -17.66 -11.63 -11.50
C TYR B 156 -19.02 -11.84 -10.81
N PHE B 157 -19.30 -11.04 -9.79
CA PHE B 157 -20.55 -11.15 -9.06
C PHE B 157 -21.75 -10.82 -9.93
N LEU B 158 -21.64 -9.80 -10.78
CA LEU B 158 -22.74 -9.46 -11.68
C LEU B 158 -23.03 -10.57 -12.67
N LEU B 159 -21.99 -11.09 -13.32
CA LEU B 159 -22.19 -12.10 -14.36
C LEU B 159 -22.54 -13.51 -13.84
N PHE B 160 -21.88 -13.90 -12.76
CA PHE B 160 -21.86 -15.29 -12.32
C PHE B 160 -22.56 -15.56 -10.99
N ASN B 161 -23.12 -14.53 -10.39
CA ASN B 161 -23.93 -14.66 -9.18
C ASN B 161 -25.32 -14.06 -9.33
N ILE B 162 -25.39 -12.76 -9.57
CA ILE B 162 -26.67 -12.07 -9.73
C ILE B 162 -27.46 -12.58 -10.93
N ALA B 163 -26.82 -12.64 -12.10
CA ALA B 163 -27.54 -13.02 -13.31
C ALA B 163 -28.11 -14.46 -13.31
N PRO B 164 -27.28 -15.45 -12.92
CA PRO B 164 -27.79 -16.82 -12.80
C PRO B 164 -28.93 -16.90 -11.78
N THR B 165 -28.82 -16.17 -10.68
CA THR B 165 -29.87 -16.10 -9.67
C THR B 165 -31.16 -15.46 -10.19
N VAL B 166 -31.06 -14.49 -11.10
CA VAL B 166 -32.26 -13.93 -11.70
C VAL B 166 -32.95 -15.00 -12.56
N ILE B 167 -32.14 -15.71 -13.35
CA ILE B 167 -32.66 -16.81 -14.18
C ILE B 167 -33.34 -17.90 -13.31
N GLU B 168 -32.64 -18.31 -12.27
CA GLU B 168 -33.12 -19.34 -11.36
C GLU B 168 -34.39 -18.91 -10.65
N LEU B 169 -34.43 -17.67 -10.19
CA LEU B 169 -35.59 -17.17 -9.47
C LEU B 169 -36.81 -17.14 -10.39
N THR B 170 -36.61 -16.71 -11.64
CA THR B 170 -37.74 -16.70 -12.57
C THR B 170 -38.22 -18.14 -12.83
N ALA B 171 -37.27 -19.06 -13.02
CA ALA B 171 -37.60 -20.45 -13.29
C ALA B 171 -38.37 -21.09 -12.13
N VAL B 172 -37.89 -20.83 -10.91
CA VAL B 172 -38.55 -21.31 -9.70
C VAL B 172 -39.95 -20.72 -9.59
N ILE B 173 -40.11 -19.46 -9.97
CA ILE B 173 -41.44 -18.85 -9.96
C ILE B 173 -42.39 -19.63 -10.89
N VAL B 174 -41.94 -19.90 -12.11
CA VAL B 174 -42.76 -20.59 -13.11
C VAL B 174 -43.10 -22.03 -12.68
N ILE B 175 -42.09 -22.75 -12.22
CA ILE B 175 -42.24 -24.13 -11.84
C ILE B 175 -43.14 -24.27 -10.60
N PHE B 176 -42.93 -23.41 -9.61
CA PHE B 176 -43.77 -23.38 -8.42
C PHE B 176 -45.20 -23.04 -8.81
N TRP B 177 -45.31 -22.18 -9.82
CA TRP B 177 -46.60 -21.77 -10.33
C TRP B 177 -47.36 -22.97 -10.92
N LEU B 178 -46.71 -23.66 -11.84
CA LEU B 178 -47.32 -24.79 -12.55
C LEU B 178 -47.60 -25.97 -11.64
N ASN B 179 -46.81 -26.13 -10.58
CA ASN B 179 -46.99 -27.34 -9.78
C ASN B 179 -47.47 -27.17 -8.35
N PHE B 180 -47.71 -25.93 -7.90
CA PHE B 180 -48.06 -25.73 -6.50
C PHE B 180 -48.85 -24.44 -6.27
N GLY B 181 -49.07 -24.17 -4.99
CA GLY B 181 -49.57 -22.88 -4.53
C GLY B 181 -50.95 -22.44 -4.96
N LEU B 182 -51.04 -21.24 -5.54
CA LEU B 182 -49.89 -20.39 -5.84
C LEU B 182 -49.52 -19.54 -4.65
N GLY B 183 -49.98 -19.96 -3.47
CA GLY B 183 -49.56 -19.37 -2.22
C GLY B 183 -48.07 -19.55 -2.07
N LEU B 184 -47.56 -20.65 -2.62
CA LEU B 184 -46.13 -20.95 -2.58
C LEU B 184 -45.35 -19.86 -3.31
N VAL B 185 -45.82 -19.50 -4.51
CA VAL B 185 -45.16 -18.52 -5.35
C VAL B 185 -45.05 -17.15 -4.66
N THR B 186 -46.17 -16.66 -4.14
CA THR B 186 -46.17 -15.38 -3.45
C THR B 186 -45.34 -15.45 -2.16
N ALA B 187 -45.38 -16.58 -1.49
CA ALA B 187 -44.60 -16.75 -0.27
C ALA B 187 -43.10 -16.61 -0.56
N THR B 188 -42.64 -17.29 -1.59
CA THR B 188 -41.23 -17.24 -1.96
C THR B 188 -40.85 -15.85 -2.47
N ILE B 189 -41.72 -15.24 -3.27
CA ILE B 189 -41.45 -13.91 -3.81
C ILE B 189 -41.31 -12.88 -2.69
N LEU B 190 -42.23 -12.94 -1.73
CA LEU B 190 -42.15 -12.07 -0.56
C LEU B 190 -40.86 -12.37 0.19
N ALA B 191 -40.51 -13.65 0.29
CA ALA B 191 -39.32 -14.01 1.05
C ALA B 191 -38.09 -13.38 0.42
N VAL B 192 -38.00 -13.47 -0.90
CA VAL B 192 -36.88 -12.89 -1.63
C VAL B 192 -36.81 -11.35 -1.49
N ILE B 193 -37.96 -10.67 -1.63
CA ILE B 193 -38.00 -9.21 -1.50
C ILE B 193 -37.59 -8.74 -0.10
N ALA B 194 -38.12 -9.39 0.92
CA ALA B 194 -37.75 -9.07 2.29
C ALA B 194 -36.26 -9.34 2.48
N TYR B 195 -35.79 -10.42 1.86
CA TYR B 195 -34.41 -10.83 1.98
C TYR B 195 -33.46 -9.73 1.43
N VAL B 196 -33.74 -9.30 0.20
CA VAL B 196 -32.92 -8.30 -0.47
C VAL B 196 -32.99 -6.95 0.24
N TRP B 197 -34.20 -6.53 0.61
CA TRP B 197 -34.34 -5.23 1.27
C TRP B 197 -33.57 -5.20 2.61
N THR B 198 -33.73 -6.25 3.40
CA THR B 198 -33.04 -6.36 4.69
C THR B 198 -31.51 -6.38 4.48
N THR B 199 -31.04 -7.19 3.54
CA THR B 199 -29.62 -7.33 3.27
C THR B 199 -29.07 -5.97 2.87
N ARG B 200 -29.81 -5.27 2.03
CA ARG B 200 -29.38 -3.98 1.53
C ARG B 200 -29.22 -2.96 2.66
N THR B 201 -30.24 -2.81 3.50
CA THR B 201 -30.17 -1.78 4.54
C THR B 201 -29.07 -2.10 5.57
N ILE B 202 -29.02 -3.37 5.96
CA ILE B 202 -28.02 -3.78 6.93
C ILE B 202 -26.64 -3.54 6.32
N THR B 203 -26.49 -3.82 5.02
CA THR B 203 -25.20 -3.66 4.34
C THR B 203 -24.76 -2.20 4.29
N GLU B 204 -25.70 -1.28 4.08
CA GLU B 204 -25.34 0.13 4.07
C GLU B 204 -24.74 0.53 5.43
N TRP B 205 -25.44 0.14 6.49
CA TRP B 205 -24.89 0.38 7.84
C TRP B 205 -23.51 -0.27 8.04
N ARG B 206 -23.36 -1.49 7.54
CA ARG B 206 -22.13 -2.26 7.66
C ARG B 206 -20.95 -1.56 6.94
N THR B 207 -21.23 -1.01 5.76
CA THR B 207 -20.21 -0.36 4.96
C THR B 207 -19.72 0.87 5.70
N HIS B 208 -20.64 1.59 6.34
CA HIS B 208 -20.18 2.71 7.15
C HIS B 208 -19.24 2.25 8.30
N LEU B 209 -19.63 1.17 8.99
CA LEU B 209 -18.79 0.65 10.08
C LEU B 209 -17.41 0.18 9.59
N ARG B 210 -17.41 -0.36 8.39
CA ARG B 210 -16.19 -0.86 7.76
C ARG B 210 -15.26 0.32 7.49
N GLU B 211 -15.82 1.41 6.99
CA GLU B 211 -15.03 2.58 6.65
C GLU B 211 -14.39 3.17 7.91
N LYS B 212 -15.17 3.21 8.99
CA LYS B 212 -14.60 3.72 10.23
C LYS B 212 -13.44 2.83 10.72
N ASN B 214 -11.51 0.85 8.93
CA ASN B 214 -10.40 1.02 8.02
C ASN B 214 -9.58 2.29 8.31
N ARG B 215 -10.28 3.37 8.61
CA ARG B 215 -9.60 4.59 8.97
C ARG B 215 -8.78 4.43 10.27
N LEU B 216 -9.41 3.85 11.30
CA LEU B 216 -8.72 3.66 12.60
C LEU B 216 -7.50 2.73 12.48
N ASP B 217 -7.63 1.73 11.62
CA ASP B 217 -6.56 0.82 11.31
C ASP B 217 -5.38 1.59 10.72
N GLY B 218 -5.70 2.45 9.74
CA GLY B 218 -4.68 3.24 9.09
C GLY B 218 -3.95 4.12 10.10
N GLN B 219 -4.71 4.67 11.05
CA GLN B 219 -4.10 5.50 12.07
C GLN B 219 -3.16 4.77 13.03
N ALA B 220 -3.59 3.60 13.54
CA ALA B 220 -2.70 2.84 14.42
C ALA B 220 -1.42 2.47 13.65
N LEU B 221 -1.60 2.03 12.40
CA LEU B 221 -0.50 1.61 11.56
C LEU B 221 0.49 2.74 11.28
N ALA B 222 -0.05 3.93 11.01
CA ALA B 222 0.79 5.09 10.72
C ALA B 222 1.60 5.45 11.95
N ARG B 223 0.98 5.39 13.13
CA ARG B 223 1.76 5.66 14.33
C ARG B 223 2.91 4.67 14.46
N ALA B 224 2.61 3.39 14.28
CA ALA B 224 3.64 2.35 14.42
C ALA B 224 4.82 2.57 13.44
N VAL B 225 4.49 2.79 12.17
CA VAL B 225 5.51 2.98 11.16
C VAL B 225 6.34 4.24 11.41
N ASP B 226 5.71 5.36 11.77
CA ASP B 226 6.43 6.61 12.03
C ASP B 226 7.39 6.44 13.19
N SER B 227 6.95 5.71 14.21
CA SER B 227 7.78 5.42 15.36
C SER B 227 9.06 4.60 14.94
N LEU B 228 8.83 3.51 14.22
CA LEU B 228 9.93 2.63 13.82
C LEU B 228 10.92 3.33 12.89
N LEU B 229 10.41 4.17 12.02
CA LEU B 229 11.26 4.90 11.11
C LEU B 229 11.91 6.08 11.82
N ASN B 230 11.49 6.38 13.04
CA ASN B 230 12.17 7.40 13.84
C ASN B 230 12.75 6.79 15.10
N TYR B 231 13.22 5.55 14.96
CA TYR B 231 13.84 4.81 16.05
C TYR B 231 14.94 5.63 16.74
N GLU B 232 15.77 6.31 15.96
CA GLU B 232 16.84 7.11 16.55
C GLU B 232 16.34 8.20 17.48
N THR B 233 15.38 8.97 16.99
CA THR B 233 14.82 10.06 17.75
C THR B 233 14.15 9.55 19.01
N VAL B 234 13.43 8.42 18.86
CA VAL B 234 12.80 7.79 20.01
C VAL B 234 13.83 7.39 21.07
N LYS B 235 14.96 6.83 20.65
CA LYS B 235 16.01 6.53 21.59
C LYS B 235 16.59 7.81 22.23
N TYR B 236 16.80 8.85 21.42
CA TYR B 236 17.39 10.11 21.89
C TYR B 236 16.59 10.71 23.03
N PHE B 237 15.28 10.52 23.00
CA PHE B 237 14.45 11.07 24.05
C PHE B 237 13.92 9.97 24.99
N GLY B 238 14.47 8.76 24.84
CA GLY B 238 14.09 7.65 25.71
C GLY B 238 12.57 7.47 25.75
N ALA B 239 11.96 7.54 24.57
CA ALA B 239 10.51 7.66 24.47
C ALA B 239 9.77 6.36 24.10
N GLU B 240 10.39 5.21 24.34
CA GLU B 240 9.82 3.91 23.97
C GLU B 240 8.47 3.61 24.59
N SER B 241 8.35 3.80 25.91
CA SER B 241 7.11 3.58 26.64
C SER B 241 6.05 4.49 26.07
N ARG B 242 6.44 5.73 25.77
CA ARG B 242 5.53 6.73 25.25
C ARG B 242 4.93 6.32 23.90
N GLU B 243 5.80 5.85 23.01
CA GLU B 243 5.40 5.41 21.67
C GLU B 243 4.58 4.13 21.75
N GLU B 244 4.92 3.28 22.72
CA GLU B 244 4.18 2.06 22.97
C GLU B 244 2.76 2.36 23.42
N ALA B 245 2.62 3.31 24.35
CA ALA B 245 1.28 3.72 24.84
C ALA B 245 0.48 4.35 23.69
N ARG B 246 1.19 5.15 22.90
CA ARG B 246 0.63 5.80 21.72
C ARG B 246 0.14 4.82 20.67
N TYR B 247 0.89 3.75 20.44
CA TYR B 247 0.41 2.74 19.50
C TYR B 247 -0.78 2.01 20.14
N ALA B 248 -0.68 1.75 21.44
CA ALA B 248 -1.68 0.93 22.13
C ALA B 248 -3.09 1.56 22.13
N SER B 249 -3.16 2.86 22.37
CA SER B 249 -4.45 3.55 22.39
C SER B 249 -5.10 3.51 20.99
N ALA B 250 -4.28 3.76 19.98
CA ALA B 250 -4.75 3.72 18.60
C ALA B 250 -5.24 2.33 18.24
N ALA B 251 -4.49 1.33 18.70
CA ALA B 251 -4.75 -0.09 18.41
C ALA B 251 -6.07 -0.53 19.06
N ARG B 252 -6.32 -0.02 20.25
CA ARG B 252 -7.56 -0.25 20.95
C ARG B 252 -8.75 0.38 20.23
N ALA B 253 -8.55 1.61 19.77
CA ALA B 253 -9.62 2.25 19.01
C ALA B 253 -9.96 1.39 17.78
N TYR B 254 -8.91 0.92 17.10
CA TYR B 254 -9.11 0.06 15.95
C TYR B 254 -9.87 -1.22 16.29
N ALA B 255 -9.44 -1.89 17.37
CA ALA B 255 -10.03 -3.16 17.76
C ALA B 255 -11.51 -3.01 18.10
N ASP B 256 -11.84 -1.90 18.76
CA ASP B 256 -13.23 -1.61 19.09
C ASP B 256 -14.06 -1.50 17.81
N ALA B 257 -13.55 -0.73 16.86
CA ALA B 257 -14.25 -0.58 15.57
C ALA B 257 -14.40 -1.92 14.83
N ALA B 258 -13.37 -2.74 14.88
CA ALA B 258 -13.38 -4.03 14.20
C ALA B 258 -14.41 -4.97 14.81
N VAL B 259 -14.50 -4.96 16.13
CA VAL B 259 -15.48 -5.79 16.81
C VAL B 259 -16.89 -5.35 16.37
N LYS B 260 -17.13 -4.05 16.32
CA LYS B 260 -18.45 -3.61 15.85
C LYS B 260 -18.72 -4.06 14.40
N SER B 261 -17.73 -3.88 13.52
CA SER B 261 -17.95 -4.21 12.11
C SER B 261 -18.31 -5.71 11.93
N GLU B 262 -17.54 -6.56 12.59
CA GLU B 262 -17.74 -8.01 12.48
C GLU B 262 -19.07 -8.45 13.10
N ASN B 263 -19.38 -7.87 14.25
CA ASN B 263 -20.60 -8.21 14.94
C ASN B 263 -21.79 -7.87 14.05
N SER B 264 -21.69 -6.74 13.35
CA SER B 264 -22.77 -6.37 12.43
C SER B 264 -22.91 -7.46 11.36
N LEU B 265 -21.80 -8.08 10.96
CA LEU B 265 -21.91 -9.22 10.04
C LEU B 265 -22.74 -10.37 10.65
N GLY B 266 -22.54 -10.60 11.96
CA GLY B 266 -23.35 -11.62 12.63
C GLY B 266 -24.84 -11.29 12.56
N LEU B 267 -25.16 -10.01 12.80
CA LEU B 267 -26.55 -9.57 12.73
C LEU B 267 -27.14 -9.79 11.34
N LEU B 268 -26.36 -9.46 10.31
CA LEU B 268 -26.88 -9.64 8.95
C LEU B 268 -27.19 -11.11 8.67
N ASN B 269 -26.29 -11.99 9.11
CA ASN B 269 -26.47 -13.41 8.86
C ASN B 269 -27.73 -13.96 9.55
N ILE B 270 -27.92 -13.54 10.80
CA ILE B 270 -29.09 -13.93 11.56
C ILE B 270 -30.39 -13.44 10.93
N ALA B 271 -30.39 -12.17 10.49
CA ALA B 271 -31.59 -11.63 9.84
C ALA B 271 -31.92 -12.43 8.59
N GLN B 272 -30.88 -12.74 7.82
CA GLN B 272 -31.04 -13.50 6.60
C GLN B 272 -31.61 -14.92 6.85
N ALA B 273 -31.08 -15.59 7.88
CA ALA B 273 -31.49 -16.95 8.22
C ALA B 273 -32.94 -16.96 8.74
N LEU B 274 -33.31 -15.90 9.44
CA LEU B 274 -34.67 -15.75 9.91
C LEU B 274 -35.61 -15.69 8.72
N ILE B 275 -35.29 -14.84 7.75
CA ILE B 275 -36.15 -14.72 6.58
C ILE B 275 -36.25 -16.06 5.82
N VAL B 276 -35.10 -16.65 5.52
CA VAL B 276 -35.07 -17.90 4.77
C VAL B 276 -35.89 -18.99 5.49
N ASN B 277 -35.65 -19.14 6.78
CA ASN B 277 -36.25 -20.18 7.57
C ASN B 277 -37.76 -20.00 7.87
N LEU B 278 -38.23 -18.76 7.96
CA LEU B 278 -39.67 -18.56 7.96
C LEU B 278 -40.20 -19.07 6.64
N LEU B 279 -39.56 -18.68 5.53
CA LEU B 279 -40.03 -19.20 4.24
C LEU B 279 -40.04 -20.73 4.16
N ALA B 281 -40.09 -23.04 6.69
CA ALA B 281 -41.13 -23.55 7.57
C ALA B 281 -42.49 -23.49 6.90
N GLY B 282 -42.80 -22.31 6.36
CA GLY B 282 -44.09 -22.11 5.72
C GLY B 282 -44.28 -23.00 4.51
N ALA B 283 -43.27 -23.06 3.64
CA ALA B 283 -43.38 -23.82 2.41
C ALA B 283 -43.53 -25.30 2.67
N ALA B 285 -44.43 -26.87 5.60
CA ALA B 285 -45.66 -27.14 6.33
C ALA B 285 -46.81 -27.16 5.34
N TRP B 286 -46.85 -26.18 4.46
CA TRP B 286 -47.91 -26.11 3.47
C TRP B 286 -47.85 -27.31 2.49
N THR B 287 -46.64 -27.71 2.10
CA THR B 287 -46.46 -28.85 1.21
C THR B 287 -46.92 -30.17 1.86
N VAL B 288 -46.64 -30.30 3.14
CA VAL B 288 -47.03 -31.46 3.92
C VAL B 288 -48.55 -31.50 4.02
N TYR B 289 -49.15 -30.34 4.24
CA TYR B 289 -50.59 -30.22 4.32
C TYR B 289 -51.25 -30.60 2.99
N GLY B 290 -50.60 -30.22 1.89
CA GLY B 290 -51.05 -30.62 0.57
C GLY B 290 -50.89 -32.13 0.38
N TRP B 291 -49.88 -32.71 1.01
CA TRP B 291 -49.69 -34.15 0.96
C TRP B 291 -50.86 -34.86 1.63
N SER B 292 -51.28 -34.32 2.77
CA SER B 292 -52.32 -34.98 3.57
C SER B 292 -53.63 -35.15 2.80
N GLN B 293 -53.88 -34.24 1.87
CA GLN B 293 -55.09 -34.27 1.06
C GLN B 293 -54.90 -35.06 -0.23
N GLY B 294 -53.74 -35.67 -0.40
CA GLY B 294 -53.45 -36.47 -1.59
C GLY B 294 -53.18 -35.62 -2.81
N LYS B 295 -53.12 -34.31 -2.62
CA LYS B 295 -52.78 -33.40 -3.72
C LYS B 295 -51.31 -33.54 -4.13
N LEU B 296 -50.43 -33.71 -3.15
CA LEU B 296 -49.00 -33.76 -3.42
C LEU B 296 -48.35 -35.02 -2.85
N THR B 297 -47.36 -35.53 -3.58
CA THR B 297 -46.61 -36.69 -3.16
C THR B 297 -45.65 -36.28 -2.05
N VAL B 298 -45.11 -37.26 -1.35
CA VAL B 298 -44.09 -37.03 -0.32
C VAL B 298 -42.81 -36.48 -0.96
N GLY B 299 -42.54 -36.89 -2.18
CA GLY B 299 -41.38 -36.41 -2.91
C GLY B 299 -41.41 -34.91 -3.12
N ASP B 300 -42.61 -34.35 -3.09
CA ASP B 300 -42.81 -32.91 -3.23
C ASP B 300 -42.20 -32.12 -2.08
N LEU B 301 -42.20 -32.69 -0.88
CA LEU B 301 -41.60 -32.05 0.27
C LEU B 301 -40.10 -31.87 0.05
N VAL B 302 -39.47 -32.95 -0.39
CA VAL B 302 -38.05 -32.97 -0.71
C VAL B 302 -37.78 -31.98 -1.85
N PHE B 303 -38.65 -31.99 -2.84
CA PHE B 303 -38.53 -31.16 -4.04
C PHE B 303 -38.52 -29.67 -3.69
N VAL B 304 -39.53 -29.25 -2.93
CA VAL B 304 -39.65 -27.86 -2.54
C VAL B 304 -38.46 -27.44 -1.67
N ASN B 305 -38.10 -28.30 -0.71
CA ASN B 305 -36.98 -28.00 0.18
C ASN B 305 -35.67 -27.74 -0.62
N THR B 306 -35.40 -28.63 -1.58
CA THR B 306 -34.23 -28.51 -2.44
C THR B 306 -34.28 -27.24 -3.32
N TYR B 307 -35.45 -26.95 -3.90
CA TYR B 307 -35.59 -25.78 -4.75
C TYR B 307 -35.29 -24.51 -3.94
N LEU B 308 -35.82 -24.46 -2.72
CA LEU B 308 -35.64 -23.29 -1.86
C LEU B 308 -34.19 -23.12 -1.41
N THR B 309 -33.55 -24.21 -0.99
CA THR B 309 -32.15 -24.08 -0.57
C THR B 309 -31.22 -23.72 -1.73
N GLN B 310 -31.46 -24.32 -2.90
CA GLN B 310 -30.69 -24.03 -4.10
C GLN B 310 -30.86 -22.57 -4.51
N LEU B 311 -32.09 -22.07 -4.39
CA LEU B 311 -32.40 -20.68 -4.73
C LEU B 311 -31.67 -19.74 -3.80
N PHE B 312 -31.69 -20.07 -2.51
CA PHE B 312 -31.14 -19.13 -1.56
C PHE B 312 -29.64 -19.30 -1.30
N ARG B 313 -29.00 -20.27 -1.94
CA ARG B 313 -27.55 -20.42 -1.74
C ARG B 313 -26.73 -19.25 -2.30
N PRO B 314 -26.99 -18.81 -3.56
CA PRO B 314 -26.20 -17.65 -4.02
C PRO B 314 -26.48 -16.41 -3.19
N LEU B 315 -27.70 -16.29 -2.69
CA LEU B 315 -28.12 -15.11 -1.94
C LEU B 315 -27.48 -15.13 -0.55
N ASP B 316 -26.72 -16.19 -0.26
CA ASP B 316 -26.01 -16.25 1.00
C ASP B 316 -24.91 -15.21 1.07
N LEU B 318 -25.21 -12.21 -0.63
CA LEU B 318 -25.78 -10.99 -1.21
C LEU B 318 -25.21 -9.69 -0.65
N GLY B 319 -24.89 -9.67 0.63
CA GLY B 319 -24.38 -8.47 1.27
C GLY B 319 -23.07 -8.03 0.64
N VAL B 321 -21.62 -9.18 -2.02
CA VAL B 321 -21.99 -8.94 -3.41
C VAL B 321 -22.48 -7.52 -3.62
N TYR B 322 -23.47 -7.12 -2.83
CA TYR B 322 -24.03 -5.79 -3.01
C TYR B 322 -22.91 -4.77 -2.84
N ARG B 323 -22.16 -4.87 -1.73
CA ARG B 323 -21.15 -3.88 -1.45
C ARG B 323 -20.20 -3.83 -2.64
N THR B 324 -19.82 -5.01 -3.08
CA THR B 324 -18.76 -5.09 -4.05
C THR B 324 -19.25 -4.45 -5.35
N ILE B 325 -20.45 -4.85 -5.75
CA ILE B 325 -20.97 -4.43 -7.04
C ILE B 325 -21.06 -2.92 -6.99
N ARG B 326 -21.52 -2.41 -5.86
CA ARG B 326 -21.74 -0.99 -5.73
C ARG B 326 -20.40 -0.27 -5.96
N GLN B 327 -19.39 -0.71 -5.22
CA GLN B 327 -18.10 -0.06 -5.28
C GLN B 327 -17.53 -0.16 -6.68
N GLY B 328 -17.72 -1.32 -7.30
CA GLY B 328 -17.16 -1.51 -8.62
C GLY B 328 -17.75 -0.50 -9.58
N LEU B 329 -19.06 -0.36 -9.51
CA LEU B 329 -19.78 0.51 -10.43
C LEU B 329 -19.29 1.94 -10.22
N ILE B 330 -18.95 2.26 -8.97
CA ILE B 330 -18.44 3.57 -8.67
C ILE B 330 -17.11 3.74 -9.38
N ASP B 331 -16.21 2.79 -9.16
CA ASP B 331 -14.86 2.86 -9.66
C ASP B 331 -14.86 2.87 -11.18
N ALA B 333 -17.23 3.92 -13.08
CA ALA B 333 -17.75 5.22 -13.51
C ALA B 333 -16.63 6.26 -13.49
N GLU B 334 -15.82 6.19 -12.45
CA GLU B 334 -14.70 7.09 -12.34
C GLU B 334 -13.83 6.96 -13.59
N PHE B 336 -14.71 5.99 -16.54
CA PHE B 336 -15.35 6.51 -17.74
C PHE B 336 -15.33 8.04 -17.73
N ARG B 337 -15.40 8.59 -16.51
CA ARG B 337 -15.35 10.04 -16.36
C ARG B 337 -14.01 10.55 -16.94
N LEU B 338 -12.90 9.87 -16.61
CA LEU B 338 -11.61 10.29 -17.14
C LEU B 338 -11.60 10.22 -18.66
N ILE B 339 -12.22 9.17 -19.19
CA ILE B 339 -12.21 9.00 -20.63
C ILE B 339 -12.99 10.13 -21.28
N ASP B 340 -14.01 10.59 -20.58
CA ASP B 340 -14.86 11.65 -21.11
C ASP B 340 -14.28 13.06 -20.96
N THR B 341 -13.44 13.26 -19.95
CA THR B 341 -12.90 14.57 -19.63
C THR B 341 -12.26 15.19 -20.84
N HIS B 342 -12.55 16.47 -21.05
CA HIS B 342 -12.13 17.09 -22.28
C HIS B 342 -10.71 17.60 -22.22
N ILE B 343 -10.09 17.66 -23.39
CA ILE B 343 -8.69 17.94 -23.49
C ILE B 343 -8.47 19.43 -23.76
N GLU B 344 -7.82 20.10 -22.81
CA GLU B 344 -7.54 21.53 -22.89
C GLU B 344 -6.70 21.94 -24.14
N VAL B 345 -5.61 21.23 -24.39
CA VAL B 345 -4.77 21.54 -25.54
C VAL B 345 -4.83 20.48 -26.62
N ALA B 346 -5.37 20.87 -27.78
CA ALA B 346 -5.61 19.92 -28.87
C ALA B 346 -5.04 20.41 -30.19
N ASP B 347 -4.70 19.48 -31.09
CA ASP B 347 -4.27 19.89 -32.41
C ASP B 347 -5.47 20.46 -33.15
N VAL B 348 -5.28 21.47 -33.99
CA VAL B 348 -6.39 21.94 -34.81
C VAL B 348 -6.67 20.85 -35.86
N PRO B 349 -7.89 20.84 -36.43
CA PRO B 349 -8.17 19.80 -37.44
C PRO B 349 -7.23 19.90 -38.64
N ASN B 350 -6.68 18.76 -39.07
CA ASN B 350 -5.76 18.68 -40.21
C ASN B 350 -4.55 19.58 -40.02
N ALA B 351 -4.05 19.62 -38.79
CA ALA B 351 -2.92 20.46 -38.46
C ALA B 351 -1.72 19.91 -39.23
N PRO B 352 -0.96 20.80 -39.89
CA PRO B 352 0.28 20.44 -40.58
C PRO B 352 1.36 20.16 -39.58
N ALA B 353 2.43 19.52 -40.04
CA ALA B 353 3.60 19.36 -39.19
C ALA B 353 4.36 20.70 -39.16
N LEU B 354 5.04 20.94 -38.05
CA LEU B 354 5.94 22.07 -37.95
C LEU B 354 7.23 21.77 -38.72
N VAL B 355 7.64 22.67 -39.60
CA VAL B 355 8.85 22.44 -40.36
C VAL B 355 9.92 23.44 -39.98
N VAL B 356 10.96 22.98 -39.29
CA VAL B 356 11.98 23.91 -38.79
C VAL B 356 13.15 24.03 -39.76
N ASN B 357 13.13 25.10 -40.55
CA ASN B 357 14.22 25.39 -41.47
C ASN B 357 15.18 26.43 -40.91
N ARG B 358 14.63 27.41 -40.19
CA ARG B 358 15.39 28.41 -39.45
C ARG B 358 14.82 28.51 -38.02
N PRO B 359 15.59 28.08 -37.01
CA PRO B 359 15.01 27.95 -35.66
C PRO B 359 14.92 29.21 -34.78
N SER B 360 14.17 30.20 -35.26
CA SER B 360 13.82 31.36 -34.46
C SER B 360 12.64 31.04 -33.53
N VAL B 361 12.62 31.70 -32.38
CA VAL B 361 11.51 31.61 -31.46
C VAL B 361 10.94 33.00 -31.24
N THR B 362 9.63 33.16 -31.41
CA THR B 362 8.97 34.44 -31.21
C THR B 362 7.86 34.36 -30.18
N PHE B 363 7.89 35.24 -29.19
CA PHE B 363 6.72 35.46 -28.35
C PHE B 363 6.09 36.78 -28.83
N ASP B 364 4.83 36.70 -29.22
CA ASP B 364 4.09 37.82 -29.79
C ASP B 364 2.94 38.21 -28.89
N ASN B 365 3.16 39.22 -28.07
CA ASN B 365 2.12 39.76 -27.17
C ASN B 365 1.40 38.70 -26.33
N VAL B 366 2.18 37.89 -25.63
CA VAL B 366 1.63 36.75 -24.91
C VAL B 366 1.06 37.12 -23.54
N VAL B 367 -0.22 36.84 -23.37
CA VAL B 367 -0.93 37.03 -22.13
C VAL B 367 -1.30 35.65 -21.61
N PHE B 368 -0.92 35.36 -20.37
CA PHE B 368 -1.10 34.04 -19.84
C PHE B 368 -1.11 33.98 -18.32
N GLY B 369 -1.84 33.00 -17.79
CA GLY B 369 -1.76 32.62 -16.41
C GLY B 369 -2.23 31.17 -16.36
N TYR B 370 -1.83 30.43 -15.32
CA TYR B 370 -2.32 29.07 -15.13
C TYR B 370 -3.80 29.11 -14.79
N ASP B 371 -4.23 30.13 -14.03
CA ASP B 371 -5.65 30.26 -13.71
C ASP B 371 -6.16 31.67 -14.03
N ARG B 372 -7.40 31.76 -14.48
CA ARG B 372 -7.92 33.01 -15.03
C ARG B 372 -8.02 34.11 -13.97
N ASP B 373 -7.86 33.76 -12.70
CA ASP B 373 -7.83 34.79 -11.66
C ASP B 373 -6.41 35.27 -11.34
N ARG B 374 -5.38 34.69 -11.96
CA ARG B 374 -4.04 35.19 -11.71
C ARG B 374 -3.20 35.27 -12.99
N GLU B 375 -3.18 36.44 -13.61
CA GLU B 375 -2.48 36.66 -14.87
C GLU B 375 -1.00 36.89 -14.59
N ILE B 376 -0.14 36.21 -15.35
CA ILE B 376 1.30 36.26 -15.12
C ILE B 376 2.06 37.02 -16.21
N LEU B 377 1.84 36.64 -17.47
CA LEU B 377 2.40 37.38 -18.59
C LEU B 377 1.31 38.34 -19.02
N HIS B 378 1.70 39.60 -19.22
CA HIS B 378 0.73 40.65 -19.48
C HIS B 378 0.90 41.24 -20.89
N GLY B 379 1.44 40.45 -21.81
CA GLY B 379 1.73 40.96 -23.14
C GLY B 379 3.22 40.85 -23.44
N LEU B 380 3.79 39.68 -23.17
CA LEU B 380 5.21 39.43 -23.39
C LEU B 380 5.55 39.25 -24.87
N SER B 381 6.45 40.10 -25.35
CA SER B 381 6.95 40.00 -26.72
C SER B 381 8.45 39.97 -26.71
N PHE B 382 9.02 39.02 -27.44
CA PHE B 382 10.47 38.99 -27.67
C PHE B 382 10.79 38.13 -28.89
N GLU B 383 11.98 38.34 -29.43
CA GLU B 383 12.46 37.59 -30.59
C GLU B 383 13.79 36.93 -30.29
N VAL B 384 13.88 35.63 -30.53
CA VAL B 384 15.13 34.91 -30.40
C VAL B 384 15.62 34.48 -31.77
N ALA B 385 16.76 35.02 -32.18
CA ALA B 385 17.35 34.72 -33.49
C ALA B 385 17.82 33.26 -33.53
N ALA B 386 17.76 32.68 -34.72
CA ALA B 386 18.18 31.31 -34.93
C ALA B 386 19.67 31.15 -34.61
N GLY B 387 20.00 30.16 -33.78
CA GLY B 387 21.38 29.83 -33.48
C GLY B 387 22.04 30.66 -32.39
N SER B 388 21.29 31.61 -31.84
CA SER B 388 21.82 32.43 -30.75
C SER B 388 21.76 31.77 -29.40
N ARG B 389 22.59 32.24 -28.48
CA ARG B 389 22.54 31.83 -27.08
C ARG B 389 21.97 32.95 -26.26
N VAL B 390 20.76 32.73 -25.75
CA VAL B 390 19.98 33.79 -25.12
C VAL B 390 19.66 33.40 -23.70
N ALA B 391 19.50 34.38 -22.84
CA ALA B 391 19.12 34.09 -21.48
C ALA B 391 17.84 34.86 -21.18
N ILE B 392 16.99 34.28 -20.33
CA ILE B 392 15.80 34.94 -19.84
C ILE B 392 15.88 34.94 -18.32
N VAL B 393 15.90 36.14 -17.74
CA VAL B 393 16.04 36.35 -16.30
C VAL B 393 14.99 37.36 -15.82
N GLY B 394 14.78 37.47 -14.52
CA GLY B 394 13.96 38.55 -14.01
C GLY B 394 13.76 38.41 -12.52
N PRO B 395 13.18 39.42 -11.87
CA PRO B 395 12.88 39.28 -10.45
C PRO B 395 11.58 38.47 -10.22
N SER B 396 11.07 38.52 -9.00
CA SER B 396 10.04 37.58 -8.54
C SER B 396 8.71 37.56 -9.28
N GLY B 397 8.34 38.65 -9.94
CA GLY B 397 7.09 38.62 -10.67
C GLY B 397 7.18 38.52 -12.17
N ALA B 398 8.38 38.24 -12.67
CA ALA B 398 8.64 38.36 -14.10
C ALA B 398 7.80 37.42 -14.95
N GLY B 399 7.58 36.20 -14.46
CA GLY B 399 6.84 35.21 -15.23
C GLY B 399 7.70 34.32 -16.12
N LYS B 400 9.02 34.33 -15.90
CA LYS B 400 9.91 33.54 -16.76
C LYS B 400 9.70 32.02 -16.64
N SER B 401 9.18 31.60 -15.50
CA SER B 401 8.91 30.21 -15.21
C SER B 401 7.77 29.62 -16.04
N THR B 402 7.15 30.45 -16.88
CA THR B 402 6.10 29.95 -17.76
C THR B 402 6.63 29.61 -19.14
N ILE B 403 7.80 30.16 -19.46
CA ILE B 403 8.29 30.14 -20.83
C ILE B 403 8.36 28.72 -21.38
N ALA B 404 9.04 27.82 -20.65
CA ALA B 404 9.23 26.46 -21.13
C ALA B 404 7.88 25.80 -21.36
N ARG B 405 6.97 25.96 -20.40
CA ARG B 405 5.69 25.29 -20.50
C ARG B 405 4.90 25.80 -21.68
N LEU B 406 5.05 27.09 -21.99
CA LEU B 406 4.33 27.64 -23.12
C LEU B 406 4.94 27.20 -24.43
N LEU B 407 6.26 27.10 -24.44
CA LEU B 407 6.98 26.77 -25.67
C LEU B 407 6.63 25.35 -26.08
N PHE B 408 6.52 24.46 -25.09
CA PHE B 408 6.15 23.07 -25.33
C PHE B 408 4.65 22.93 -25.46
N ARG B 409 3.91 24.04 -25.29
CA ARG B 409 2.44 24.03 -25.38
C ARG B 409 1.80 23.06 -24.40
N PHE B 410 2.29 23.06 -23.17
CA PHE B 410 1.58 22.47 -22.07
C PHE B 410 0.31 23.27 -21.85
N TYR B 411 0.37 24.57 -22.18
CA TYR B 411 -0.80 25.46 -22.13
C TYR B 411 -0.84 26.32 -23.38
N ASP B 412 -1.96 26.97 -23.63
CA ASP B 412 -2.05 27.95 -24.71
C ASP B 412 -2.11 29.35 -24.09
N PRO B 413 -1.67 30.38 -24.83
CA PRO B 413 -1.87 31.76 -24.38
C PRO B 413 -3.35 32.12 -24.34
N TRP B 414 -3.76 32.91 -23.35
CA TRP B 414 -5.09 33.50 -23.32
C TRP B 414 -5.20 34.44 -24.49
N GLU B 415 -4.14 35.22 -24.74
CA GLU B 415 -4.05 36.09 -25.91
C GLU B 415 -2.62 36.06 -26.47
N GLY B 416 -2.50 36.31 -27.76
CA GLY B 416 -1.19 36.31 -28.39
C GLY B 416 -0.74 34.93 -28.79
N ARG B 417 0.51 34.81 -29.23
CA ARG B 417 0.95 33.54 -29.78
C ARG B 417 2.47 33.35 -29.73
N ILE B 418 2.88 32.10 -29.88
CA ILE B 418 4.26 31.75 -29.97
C ILE B 418 4.52 31.22 -31.38
N LEU B 419 5.66 31.61 -31.95
CA LEU B 419 6.04 31.14 -33.27
C LEU B 419 7.38 30.48 -33.14
N ILE B 420 7.57 29.45 -33.93
CA ILE B 420 8.86 28.83 -34.18
C ILE B 420 9.03 28.88 -35.68
N ASP B 421 10.18 29.37 -36.12
CA ASP B 421 10.36 29.70 -37.53
C ASP B 421 9.22 30.66 -37.79
N GLY B 422 8.48 30.52 -38.88
CA GLY B 422 7.43 31.53 -39.01
C GLY B 422 6.05 31.14 -38.51
N GLN B 423 5.96 29.98 -37.85
CA GLN B 423 4.71 29.28 -37.61
C GLN B 423 4.20 29.26 -36.17
N ASP B 424 2.91 29.57 -36.03
CA ASP B 424 2.19 29.55 -34.76
C ASP B 424 2.14 28.11 -34.22
N ILE B 425 2.70 27.91 -33.02
CA ILE B 425 2.82 26.57 -32.50
C ILE B 425 1.44 25.96 -32.12
N ALA B 426 0.44 26.84 -31.99
CA ALA B 426 -0.95 26.43 -31.78
C ALA B 426 -1.59 25.78 -32.99
N HIS B 427 -1.02 26.01 -34.17
CA HIS B 427 -1.63 25.52 -35.42
C HIS B 427 -0.89 24.35 -36.03
N VAL B 428 0.13 23.85 -35.32
CA VAL B 428 0.85 22.68 -35.81
C VAL B 428 0.54 21.49 -34.89
N THR B 429 0.93 20.30 -35.35
CA THR B 429 0.79 19.11 -34.54
C THR B 429 1.70 19.24 -33.31
N GLN B 430 1.19 18.80 -32.17
CA GLN B 430 1.95 18.83 -30.92
C GLN B 430 3.21 17.97 -31.05
N THR B 431 3.12 16.88 -31.82
CA THR B 431 4.26 15.98 -31.91
C THR B 431 5.41 16.60 -32.69
N SER B 432 5.12 17.30 -33.79
CA SER B 432 6.20 17.94 -34.55
C SER B 432 6.82 19.08 -33.74
N LEU B 433 5.95 19.82 -33.08
CA LEU B 433 6.38 20.93 -32.25
C LEU B 433 7.35 20.46 -31.17
N ARG B 434 6.99 19.38 -30.46
CA ARG B 434 7.86 18.89 -29.40
C ARG B 434 9.08 18.17 -29.92
N ALA B 435 8.94 17.65 -31.14
CA ALA B 435 10.06 17.03 -31.80
C ALA B 435 11.16 18.06 -32.05
N ALA B 436 10.77 19.32 -32.23
CA ALA B 436 11.79 20.36 -32.45
C ALA B 436 12.46 20.93 -31.20
N LEU B 437 12.03 20.51 -30.00
CA LEU B 437 12.50 21.17 -28.77
C LEU B 437 13.19 20.22 -27.82
N GLY B 438 14.27 20.68 -27.24
CA GLY B 438 14.93 19.92 -26.20
C GLY B 438 14.85 20.72 -24.90
N ILE B 439 14.81 20.02 -23.78
CA ILE B 439 14.78 20.71 -22.50
C ILE B 439 15.66 19.99 -21.46
N VAL B 440 16.43 20.75 -20.68
CA VAL B 440 17.01 20.22 -19.47
C VAL B 440 16.37 20.97 -18.33
N PRO B 441 15.43 20.32 -17.64
CA PRO B 441 14.67 20.96 -16.57
C PRO B 441 15.49 20.96 -15.27
N GLN B 442 15.01 21.71 -14.29
CA GLN B 442 15.70 21.88 -13.02
C GLN B 442 15.83 20.58 -12.23
N ASP B 443 14.75 19.82 -12.15
CA ASP B 443 14.78 18.52 -11.46
C ASP B 443 14.64 17.45 -12.52
N SER B 444 15.74 16.81 -12.86
CA SER B 444 15.70 15.76 -13.86
C SER B 444 15.21 14.52 -13.18
N VAL B 445 14.46 13.73 -13.92
CA VAL B 445 13.84 12.55 -13.36
C VAL B 445 14.32 11.30 -14.09
N LEU B 446 14.57 10.23 -13.34
CA LEU B 446 14.96 8.99 -13.98
C LEU B 446 13.84 7.97 -13.88
N PHE B 447 13.61 7.26 -14.98
CA PHE B 447 12.68 6.12 -14.95
C PHE B 447 13.26 4.96 -14.17
N ASN B 448 12.40 4.11 -13.65
CA ASN B 448 12.90 2.94 -12.96
C ASN B 448 13.31 1.92 -13.99
N ASP B 449 14.51 2.12 -14.52
CA ASP B 449 15.04 1.28 -15.59
C ASP B 449 16.55 1.52 -15.70
N THR B 450 17.19 1.00 -16.74
CA THR B 450 18.63 1.14 -16.90
C THR B 450 19.01 2.55 -17.33
N ILE B 451 20.28 2.91 -17.17
CA ILE B 451 20.78 4.23 -17.61
C ILE B 451 20.67 4.35 -19.11
N GLY B 452 20.89 3.24 -19.80
CA GLY B 452 20.76 3.21 -21.24
C GLY B 452 19.33 3.47 -21.67
N TYR B 453 18.36 2.89 -20.97
CA TYR B 453 16.95 3.12 -21.28
C TYR B 453 16.64 4.60 -21.13
N ASN B 454 17.14 5.16 -20.04
CA ASN B 454 16.97 6.56 -19.67
C ASN B 454 17.57 7.58 -20.64
N ILE B 455 18.74 7.27 -21.18
CA ILE B 455 19.35 8.11 -22.18
C ILE B 455 18.64 7.95 -23.52
N ALA B 456 18.34 6.69 -23.88
CA ALA B 456 17.80 6.39 -25.19
C ALA B 456 16.36 6.86 -25.32
N TYR B 457 15.78 7.22 -24.17
CA TYR B 457 14.42 7.76 -24.11
C TYR B 457 14.31 9.05 -24.94
N GLY B 458 15.43 9.65 -25.29
CA GLY B 458 15.45 10.89 -26.04
C GLY B 458 14.81 10.79 -27.41
N ARG B 459 14.98 9.64 -28.06
CA ARG B 459 14.34 9.31 -29.34
C ARG B 459 13.89 7.85 -29.45
N ASP B 460 12.78 7.61 -30.15
CA ASP B 460 12.14 6.30 -30.12
C ASP B 460 13.04 5.15 -30.54
N GLY B 461 13.73 5.27 -31.66
CA GLY B 461 14.55 4.16 -32.13
C GLY B 461 16.02 4.22 -31.80
N ALA B 462 16.35 4.91 -30.70
CA ALA B 462 17.74 5.23 -30.40
C ALA B 462 18.62 3.99 -30.25
N SER B 463 19.71 3.98 -31.03
CA SER B 463 20.67 2.91 -31.01
C SER B 463 21.69 3.09 -29.89
N ARG B 464 22.39 2.02 -29.56
CA ARG B 464 23.43 2.06 -28.52
C ARG B 464 24.60 2.97 -28.91
N ALA B 465 24.83 3.10 -30.21
CA ALA B 465 25.85 4.01 -30.72
C ALA B 465 25.47 5.44 -30.39
N GLU B 466 24.19 5.74 -30.59
CA GLU B 466 23.64 7.06 -30.31
C GLU B 466 23.70 7.36 -28.83
N VAL B 467 23.42 6.35 -28.02
CA VAL B 467 23.49 6.49 -26.58
C VAL B 467 24.92 6.80 -26.16
N ASP B 468 25.88 6.09 -26.74
CA ASP B 468 27.29 6.31 -26.42
C ASP B 468 27.71 7.72 -26.83
N ALA B 469 27.26 8.12 -28.02
CA ALA B 469 27.58 9.43 -28.54
C ALA B 469 27.04 10.54 -27.66
N ALA B 470 25.78 10.39 -27.23
CA ALA B 470 25.14 11.39 -26.36
C ALA B 470 25.79 11.45 -24.99
N ALA B 471 26.07 10.27 -24.44
CA ALA B 471 26.71 10.18 -23.13
C ALA B 471 28.09 10.81 -23.18
N LYS B 472 28.74 10.70 -24.34
CA LYS B 472 30.04 11.33 -24.55
C LYS B 472 29.88 12.84 -24.58
N GLY B 473 28.89 13.31 -25.36
CA GLY B 473 28.63 14.74 -25.49
C GLY B 473 28.22 15.38 -24.17
N ALA B 474 27.56 14.61 -23.33
CA ALA B 474 27.12 15.09 -22.02
C ALA B 474 28.23 14.86 -21.02
N ALA B 475 29.29 14.19 -21.48
CA ALA B 475 30.47 13.91 -20.65
C ALA B 475 30.10 13.11 -19.41
N ILE B 476 29.23 12.12 -19.59
CA ILE B 476 28.89 11.20 -18.51
C ILE B 476 29.35 9.78 -18.90
N ALA B 477 29.99 9.67 -20.06
CA ALA B 477 30.38 8.37 -20.63
C ALA B 477 31.38 7.57 -19.78
N ASP B 478 32.35 8.26 -19.20
CA ASP B 478 33.37 7.64 -18.37
C ASP B 478 32.75 7.06 -17.12
N PHE B 479 31.86 7.83 -16.50
CA PHE B 479 31.21 7.39 -15.28
C PHE B 479 30.45 6.10 -15.53
N ILE B 480 29.78 6.03 -16.67
CA ILE B 480 29.05 4.83 -17.05
C ILE B 480 30.03 3.67 -17.30
N ALA B 481 31.15 3.98 -17.94
CA ALA B 481 32.16 2.98 -18.28
C ALA B 481 32.71 2.31 -17.02
N ARG B 482 32.78 3.06 -15.92
CA ARG B 482 33.32 2.52 -14.67
C ARG B 482 32.24 1.81 -13.84
N LEU B 483 31.03 1.68 -14.39
CA LEU B 483 30.00 0.86 -13.76
C LEU B 483 30.12 -0.58 -14.26
N PRO B 484 29.97 -1.57 -13.33
CA PRO B 484 30.14 -2.98 -13.72
C PRO B 484 29.19 -3.37 -14.84
N GLN B 485 27.94 -2.93 -14.76
CA GLN B 485 26.98 -3.24 -15.81
C GLN B 485 26.90 -2.15 -16.87
N GLY B 486 27.69 -1.09 -16.74
CA GLY B 486 27.71 -0.04 -17.73
C GLY B 486 26.35 0.57 -17.99
N TYR B 487 25.98 0.61 -19.26
CA TYR B 487 24.69 1.15 -19.67
C TYR B 487 23.50 0.33 -19.18
N ASP B 488 23.75 -0.93 -18.82
CA ASP B 488 22.70 -1.83 -18.40
C ASP B 488 22.49 -1.72 -16.89
N THR B 489 23.15 -0.75 -16.27
CA THR B 489 22.99 -0.47 -14.84
C THR B 489 21.60 0.09 -14.54
N GLU B 490 20.88 -0.54 -13.61
CA GLU B 490 19.58 -0.01 -13.24
C GLU B 490 19.75 1.23 -12.38
N VAL B 491 18.87 2.21 -12.59
CA VAL B 491 18.91 3.45 -11.80
C VAL B 491 17.51 3.83 -11.36
N GLY B 492 17.40 4.95 -10.65
CA GLY B 492 16.15 5.32 -10.03
C GLY B 492 16.13 4.52 -8.75
N GLU B 493 14.97 4.37 -8.14
CA GLU B 493 14.81 3.42 -7.04
C GLU B 493 13.79 2.36 -7.47
N ARG B 494 14.00 1.08 -7.16
CA ARG B 494 15.20 0.56 -6.49
C ARG B 494 16.36 0.33 -7.45
N GLY B 495 17.23 1.31 -7.60
CA GLY B 495 18.37 1.21 -8.50
C GLY B 495 19.52 2.03 -7.95
N LEU B 496 20.61 2.12 -8.71
CA LEU B 496 21.75 2.95 -8.30
C LEU B 496 21.32 4.42 -8.18
N LYS B 497 21.83 5.09 -7.15
CA LYS B 497 21.48 6.48 -6.98
C LYS B 497 22.55 7.36 -7.60
N LEU B 498 22.10 8.28 -8.45
CA LEU B 498 23.01 9.20 -9.10
C LEU B 498 23.09 10.51 -8.32
N SER B 499 24.21 11.21 -8.46
CA SER B 499 24.36 12.54 -7.91
C SER B 499 23.54 13.51 -8.74
N GLY B 500 23.43 14.75 -8.28
CA GLY B 500 22.68 15.76 -9.03
C GLY B 500 23.30 16.02 -10.38
N GLY B 501 24.62 16.17 -10.39
CA GLY B 501 25.35 16.40 -11.62
C GLY B 501 25.22 15.23 -12.58
N GLU B 502 25.33 14.01 -12.07
CA GLU B 502 25.16 12.82 -12.88
C GLU B 502 23.75 12.75 -13.51
N LYS B 503 22.73 13.08 -12.73
CA LYS B 503 21.35 13.13 -13.24
C LYS B 503 21.20 14.18 -14.33
N GLN B 504 21.73 15.38 -14.10
CA GLN B 504 21.64 16.47 -15.07
C GLN B 504 22.40 16.09 -16.34
N ARG B 505 23.48 15.36 -16.18
CA ARG B 505 24.19 14.85 -17.33
C ARG B 505 23.36 13.81 -18.11
N VAL B 506 22.64 12.92 -17.41
CA VAL B 506 21.74 11.98 -18.09
C VAL B 506 20.65 12.73 -18.85
N ALA B 507 20.10 13.79 -18.25
CA ALA B 507 19.10 14.62 -18.93
C ALA B 507 19.68 15.28 -20.18
N ILE B 508 20.88 15.85 -20.05
CA ILE B 508 21.54 16.49 -21.18
C ILE B 508 21.76 15.48 -22.30
N ALA B 509 22.19 14.27 -21.92
CA ALA B 509 22.46 13.20 -22.87
C ALA B 509 21.21 12.82 -23.63
N ARG B 510 20.11 12.76 -22.89
CA ARG B 510 18.80 12.42 -23.42
C ARG B 510 18.45 13.44 -24.51
N THR B 511 18.58 14.72 -24.19
CA THR B 511 18.30 15.74 -25.19
C THR B 511 19.25 15.66 -26.38
N LEU B 512 20.49 15.25 -26.16
CA LEU B 512 21.42 15.03 -27.27
C LEU B 512 20.97 13.91 -28.20
N VAL B 513 20.44 12.82 -27.65
CA VAL B 513 19.88 11.75 -28.47
C VAL B 513 18.76 12.31 -29.34
N LYS B 514 17.92 13.16 -28.75
CA LYS B 514 16.88 13.82 -29.54
C LYS B 514 17.47 14.72 -30.65
N ASN B 515 18.56 15.42 -30.35
CA ASN B 515 19.23 16.39 -31.25
C ASN B 515 18.33 17.51 -31.82
N PRO B 516 17.65 18.27 -30.95
CA PRO B 516 16.72 19.29 -31.42
C PRO B 516 17.41 20.61 -31.85
N PRO B 517 16.81 21.34 -32.81
CA PRO B 517 17.31 22.67 -33.24
C PRO B 517 17.17 23.70 -32.13
N ILE B 518 16.18 23.55 -31.25
CA ILE B 518 16.00 24.49 -30.17
C ILE B 518 16.14 23.79 -28.84
N LEU B 519 17.02 24.30 -27.99
CA LEU B 519 17.33 23.69 -26.69
C LEU B 519 17.06 24.68 -25.57
N LEU B 520 16.32 24.27 -24.54
CA LEU B 520 15.98 25.14 -23.42
C LEU B 520 16.66 24.63 -22.16
N PHE B 521 17.36 25.51 -21.47
CA PHE B 521 17.86 25.15 -20.15
C PHE B 521 16.99 25.85 -19.14
N ASP B 522 16.16 25.06 -18.46
CA ASP B 522 15.13 25.65 -17.61
C ASP B 522 15.53 25.50 -16.15
N GLU B 523 16.24 26.50 -15.65
CA GLU B 523 16.84 26.45 -14.30
C GLU B 523 17.66 25.20 -14.12
N ALA B 524 18.39 24.83 -15.17
CA ALA B 524 19.13 23.58 -15.24
C ALA B 524 20.15 23.42 -14.14
N THR B 525 20.69 24.51 -13.62
CA THR B 525 21.75 24.36 -12.61
C THR B 525 21.31 24.76 -11.20
N SER B 526 20.02 25.09 -11.06
CA SER B 526 19.50 25.69 -9.84
C SER B 526 19.54 24.78 -8.62
N ALA B 527 19.48 23.46 -8.84
CA ALA B 527 19.53 22.51 -7.74
C ALA B 527 20.93 22.01 -7.46
N LEU B 528 21.88 22.36 -8.32
CA LEU B 528 23.23 21.86 -8.20
C LEU B 528 24.04 22.74 -7.26
N ASP B 529 25.09 22.15 -6.68
CA ASP B 529 26.07 22.89 -5.90
C ASP B 529 26.98 23.70 -6.82
N THR B 530 27.81 24.55 -6.23
CA THR B 530 28.65 25.48 -6.99
C THR B 530 29.64 24.81 -7.97
N ARG B 531 30.43 23.86 -7.48
CA ARG B 531 31.41 23.20 -8.34
C ARG B 531 30.72 22.39 -9.44
N THR B 532 29.64 21.72 -9.07
CA THR B 532 28.82 20.96 -10.02
C THR B 532 28.26 21.88 -11.09
N GLU B 533 27.78 23.03 -10.64
CA GLU B 533 27.20 24.01 -11.53
C GLU B 533 28.23 24.49 -12.54
N GLN B 534 29.41 24.85 -12.03
CA GLN B 534 30.48 25.37 -12.88
C GLN B 534 30.97 24.33 -13.87
N ASP B 535 31.06 23.08 -13.41
CA ASP B 535 31.49 21.97 -14.27
C ASP B 535 30.49 21.75 -15.39
N ILE B 536 29.22 21.61 -15.04
CA ILE B 536 28.23 21.33 -16.04
C ILE B 536 28.01 22.52 -17.02
N LEU B 537 28.38 23.75 -16.63
CA LEU B 537 28.21 24.90 -17.53
C LEU B 537 29.05 24.80 -18.82
N SER B 538 30.26 24.27 -18.73
CA SER B 538 31.04 24.08 -19.95
C SER B 538 30.44 23.01 -20.88
N THR B 539 29.93 21.93 -20.28
CA THR B 539 29.20 20.91 -21.03
C THR B 539 27.98 21.50 -21.71
N ARG B 541 27.50 24.59 -22.57
CA ARG B 541 27.91 25.57 -23.56
C ARG B 541 28.32 24.82 -24.82
N ALA B 542 29.03 23.72 -24.62
CA ALA B 542 29.47 22.85 -25.71
C ALA B 542 28.27 22.28 -26.44
N VAL B 543 27.29 21.83 -25.65
CA VAL B 543 26.10 21.16 -26.16
C VAL B 543 25.16 22.18 -26.87
N ALA B 544 25.40 23.47 -26.67
CA ALA B 544 24.52 24.46 -27.31
C ALA B 544 25.05 24.88 -28.68
N SER B 545 26.03 24.15 -29.19
CA SER B 545 26.91 24.61 -30.25
C SER B 545 26.19 25.08 -31.52
N HIS B 546 25.39 24.24 -32.14
CA HIS B 546 24.71 24.73 -33.33
C HIS B 546 23.23 24.72 -33.14
N ARG B 547 22.79 24.96 -31.91
CA ARG B 547 21.38 25.06 -31.63
C ARG B 547 21.02 26.51 -31.30
N THR B 548 19.72 26.81 -31.41
CA THR B 548 19.16 28.01 -30.81
C THR B 548 18.97 27.62 -29.36
N THR B 549 19.61 28.32 -28.43
CA THR B 549 19.54 27.97 -27.01
C THR B 549 18.94 29.08 -26.13
N ILE B 550 17.99 28.72 -25.29
CA ILE B 550 17.34 29.65 -24.37
C ILE B 550 17.56 29.17 -22.94
N SER B 551 18.22 29.96 -22.12
CA SER B 551 18.51 29.54 -20.74
C SER B 551 17.78 30.46 -19.77
N ILE B 552 16.94 29.86 -18.95
CA ILE B 552 16.20 30.57 -17.94
C ILE B 552 16.92 30.33 -16.62
N ALA B 553 17.47 31.38 -16.03
CA ALA B 553 18.34 31.23 -14.87
C ALA B 553 18.00 32.25 -13.79
N HIS B 554 18.09 31.81 -12.53
CA HIS B 554 17.98 32.71 -11.37
C HIS B 554 19.24 33.51 -11.13
N ARG B 555 20.38 32.83 -11.27
CA ARG B 555 21.66 33.43 -10.93
C ARG B 555 22.35 34.00 -12.17
N LEU B 556 22.45 35.33 -12.22
CA LEU B 556 22.87 36.01 -13.45
C LEU B 556 24.31 35.67 -13.93
N SER B 557 25.22 35.42 -13.01
CA SER B 557 26.59 35.12 -13.39
C SER B 557 26.68 33.87 -14.28
N THR B 558 25.77 32.93 -14.08
CA THR B 558 25.79 31.70 -14.88
C THR B 558 25.41 31.92 -16.34
N ILE B 559 24.80 33.07 -16.63
CA ILE B 559 24.39 33.37 -18.01
C ILE B 559 25.00 34.62 -18.60
N ALA B 560 25.95 35.23 -17.90
CA ALA B 560 26.57 36.49 -18.35
C ALA B 560 27.28 36.39 -19.71
N ASP B 561 27.65 35.18 -20.15
CA ASP B 561 28.36 35.01 -21.40
C ASP B 561 27.39 34.86 -22.59
N SER B 562 26.11 35.12 -22.35
CA SER B 562 25.09 34.93 -23.40
C SER B 562 25.25 35.94 -24.54
N ASP B 563 24.82 35.57 -25.75
CA ASP B 563 24.81 36.48 -26.89
C ASP B 563 23.94 37.68 -26.59
N THR B 564 22.79 37.42 -25.99
CA THR B 564 21.91 38.47 -25.53
C THR B 564 21.08 37.97 -24.33
N ILE B 565 20.65 38.90 -23.48
CA ILE B 565 19.90 38.56 -22.29
C ILE B 565 18.61 39.34 -22.34
N LEU B 566 17.48 38.63 -22.17
CA LEU B 566 16.16 39.24 -22.09
C LEU B 566 15.82 39.37 -20.62
N VAL B 567 15.50 40.59 -20.18
CA VAL B 567 15.15 40.82 -18.78
C VAL B 567 13.64 41.08 -18.70
N LEU B 568 12.92 40.25 -17.93
CA LEU B 568 11.47 40.42 -17.79
C LEU B 568 11.14 41.06 -16.44
N ASP B 569 10.15 41.93 -16.48
CA ASP B 569 9.57 42.51 -15.27
C ASP B 569 8.04 42.52 -15.42
N GLN B 570 7.34 42.02 -14.40
CA GLN B 570 5.87 42.05 -14.35
C GLN B 570 5.24 41.51 -15.64
N GLY B 571 5.77 40.39 -16.12
CA GLY B 571 5.16 39.73 -17.25
C GLY B 571 5.39 40.41 -18.58
N ARG B 572 6.36 41.32 -18.65
CA ARG B 572 6.68 41.96 -19.93
C ARG B 572 8.19 42.08 -20.12
N LEU B 573 8.62 42.32 -21.35
CA LEU B 573 10.04 42.50 -21.62
C LEU B 573 10.44 43.91 -21.20
N ALA B 574 11.21 43.99 -20.12
CA ALA B 574 11.68 45.25 -19.58
C ALA B 574 12.98 45.77 -20.25
N GLU B 575 14.01 44.92 -20.31
CA GLU B 575 15.33 45.30 -20.79
C GLU B 575 15.91 44.23 -21.73
N GLN B 576 16.75 44.64 -22.67
CA GLN B 576 17.36 43.68 -23.58
C GLN B 576 18.80 44.03 -23.96
N GLY B 577 19.68 43.04 -23.96
CA GLY B 577 21.02 43.26 -24.44
C GLY B 577 22.08 42.36 -23.84
N SER B 578 23.33 42.61 -24.21
CA SER B 578 24.44 41.82 -23.70
C SER B 578 24.69 42.18 -22.25
N HIS B 579 25.48 41.36 -21.58
CA HIS B 579 25.72 41.58 -20.16
C HIS B 579 26.34 42.94 -19.91
N LEU B 580 27.29 43.33 -20.78
CA LEU B 580 27.94 44.64 -20.69
C LEU B 580 26.99 45.81 -20.99
N ASP B 581 26.19 45.68 -22.05
CA ASP B 581 25.21 46.71 -22.38
C ASP B 581 24.24 46.92 -21.24
N LEU B 582 23.82 45.81 -20.65
CA LEU B 582 22.88 45.87 -19.55
C LEU B 582 23.51 46.46 -18.27
N LEU B 583 24.79 46.18 -18.01
CA LEU B 583 25.44 46.80 -16.86
C LEU B 583 25.58 48.32 -17.07
N ARG B 584 25.83 48.72 -18.32
CA ARG B 584 25.97 50.13 -18.68
C ARG B 584 24.66 50.88 -18.55
N ARG B 585 23.56 50.25 -18.96
CA ARG B 585 22.27 50.92 -18.92
C ARG B 585 21.83 51.28 -17.49
N ASP B 586 22.43 50.64 -16.49
CA ASP B 586 22.13 50.91 -15.09
C ASP B 586 20.65 50.75 -14.74
N GLY B 587 20.00 49.75 -15.32
CA GLY B 587 18.59 49.49 -15.06
C GLY B 587 18.36 48.33 -14.13
N LEU B 588 17.30 47.56 -14.38
CA LEU B 588 16.91 46.45 -13.51
C LEU B 588 17.96 45.36 -13.47
N TYR B 589 18.50 45.00 -14.63
CA TYR B 589 19.50 43.94 -14.68
C TYR B 589 20.72 44.33 -13.85
N ALA B 590 21.15 45.59 -13.96
CA ALA B 590 22.33 46.02 -13.21
C ALA B 590 22.07 45.87 -11.71
N GLU B 591 20.89 46.31 -11.28
CA GLU B 591 20.52 46.24 -9.87
C GLU B 591 20.57 44.79 -9.38
N TRP B 593 22.14 42.35 -10.69
CA TRP B 593 23.52 41.88 -10.72
C TRP B 593 24.21 42.32 -9.44
N ALA B 594 24.10 43.62 -9.14
CA ALA B 594 24.76 44.16 -7.98
C ALA B 594 24.27 43.37 -6.78
N ARG B 595 22.96 43.15 -6.72
CA ARG B 595 22.38 42.52 -5.55
C ARG B 595 23.01 41.15 -5.39
N GLN B 596 23.02 40.36 -6.47
CA GLN B 596 23.52 39.01 -6.36
C GLN B 596 25.00 39.05 -5.98
N ALA B 597 25.72 40.00 -6.58
CA ALA B 597 27.16 40.09 -6.35
C ALA B 597 27.38 40.35 -4.87
N ALA B 598 26.62 41.29 -4.33
CA ALA B 598 26.80 41.67 -2.94
C ALA B 598 26.58 40.41 -2.10
N GLU B 599 25.53 39.68 -2.43
CA GLU B 599 25.13 38.51 -1.66
C GLU B 599 26.27 37.49 -1.69
N SER B 600 26.87 37.29 -2.86
CA SER B 600 27.93 36.28 -2.99
C SER B 600 29.08 36.66 -2.06
N ALA B 601 29.31 37.96 -1.94
CA ALA B 601 30.33 38.47 -1.03
C ALA B 601 30.01 38.12 0.42
N GLU B 602 28.77 38.37 0.84
CA GLU B 602 28.39 38.18 2.25
C GLU B 602 28.61 36.76 2.72
N VAL B 603 28.22 35.80 1.87
CA VAL B 603 28.35 34.39 2.19
C VAL B 603 29.83 34.09 2.39
N SER B 604 30.67 34.67 1.54
CA SER B 604 32.11 34.46 1.59
C SER B 604 32.74 35.11 2.82
N GLU B 605 32.04 36.08 3.40
CA GLU B 605 32.53 36.76 4.60
C GLU B 605 32.61 35.77 5.76
N ALA B 606 31.70 34.81 5.75
CA ALA B 606 31.63 33.81 6.81
C ALA B 606 32.50 32.60 6.51
#